data_4PRO
#
_entry.id   4PRO
#
_cell.length_a   53.800
_cell.length_b   61.900
_cell.length_c   72.600
_cell.angle_alpha   109.40
_cell.angle_beta   99.20
_cell.angle_gamma   102.40
#
_symmetry.space_group_name_H-M   'P 1'
#
loop_
_entity.id
_entity.type
_entity.pdbx_description
1 polymer 'ALPHA-LYTIC PROTEASE'
2 polymer 'ALPHA-LYTIC PROTEASE'
3 water water
#
loop_
_entity_poly.entity_id
_entity_poly.type
_entity_poly.pdbx_seq_one_letter_code
_entity_poly.pdbx_strand_id
1 'polypeptide(L)'
;ANIVGGIEYSINNASLCSVGFSVTRGATKGFVTAGHCGTVNATARIGGAVVGTFAARVFPGNDRAWVSLTSAQTLLPRVA
NGSSFVTVRGSTEAAVGAAVCRSGRTTGYQCGTITAKNVTANYAEGAVRGLTQGNACMGRGDSGGSWITSAGQAQGVASG
GNVQSNGNNCGIPASQRSSLFERLQPILSQYGLSLVTG
;
A,B
2 'polypeptide(L)'
;ADQVDPQLKFAMQRDLGIFPTQLPQYLQTEKLARTQAAAIEREFGAQFAGSWIERNEDGSFKLVAATSGARKSSTLGGVE
VRNVRYSLKQLQSAMEQLDAGANARVKGVSKPLDGVQSWYVDPRSNAVVVKVDDGATDAGVDFVALSGADSAQVRIESSP
GKLQTT
;
C,D
#
# COMPACT_ATOMS: atom_id res chain seq x y z
N ALA A 1 -4.58 -11.77 -19.80
CA ALA A 1 -5.35 -10.51 -19.92
C ALA A 1 -4.70 -9.61 -20.97
N ASN A 2 -5.37 -8.50 -21.27
CA ASN A 2 -4.86 -7.54 -22.24
C ASN A 2 -3.93 -6.54 -21.56
N ILE A 3 -2.63 -6.71 -21.78
CA ILE A 3 -1.64 -5.81 -21.18
C ILE A 3 -1.58 -4.50 -21.96
N VAL A 4 -2.09 -3.44 -21.35
CA VAL A 4 -2.13 -2.13 -21.97
C VAL A 4 -1.60 -1.07 -21.00
N GLY A 5 -0.81 -0.14 -21.52
CA GLY A 5 -0.26 0.92 -20.69
C GLY A 5 -1.32 1.83 -20.08
N GLY A 6 -1.15 2.16 -18.81
CA GLY A 6 -2.10 3.04 -18.17
C GLY A 6 -3.11 2.37 -17.28
N ILE A 7 -3.28 1.05 -17.43
CA ILE A 7 -4.26 0.34 -16.60
C ILE A 7 -3.72 0.01 -15.21
N GLU A 8 -4.64 -0.19 -14.29
CA GLU A 8 -4.30 -0.52 -12.92
C GLU A 8 -3.97 -2.00 -12.78
N TYR A 9 -3.08 -2.31 -11.85
CA TYR A 9 -2.68 -3.67 -11.56
C TYR A 9 -2.36 -3.61 -10.08
N SER A 10 -2.54 -4.72 -9.38
CA SER A 10 -2.28 -4.76 -7.95
C SER A 10 -1.05 -5.60 -7.70
N ILE A 11 -0.43 -5.41 -6.54
CA ILE A 11 0.74 -6.19 -6.21
C ILE A 11 0.59 -6.81 -4.81
N ASN A 12 0.71 -8.14 -4.76
CA ASN A 12 0.55 -8.89 -3.53
C ASN A 12 -0.80 -8.55 -2.89
N ASN A 13 -1.80 -8.40 -3.75
CA ASN A 13 -3.15 -8.10 -3.32
C ASN A 13 -3.18 -7.01 -2.25
N ALA A 14 -2.16 -6.17 -2.19
CA ALA A 14 -2.09 -5.12 -1.17
C ALA A 14 -2.01 -3.68 -1.64
N SER A 15 -1.26 -3.43 -2.71
CA SER A 15 -1.11 -2.05 -3.21
C SER A 15 -1.42 -1.89 -4.70
N LEU A 16 -1.63 -0.64 -5.11
CA LEU A 16 -1.96 -0.33 -6.50
C LEU A 16 -0.89 0.50 -7.23
N CYS A 17 -0.77 0.25 -8.54
CA CYS A 17 0.16 0.97 -9.40
C CYS A 17 -0.38 0.87 -10.83
N SER A 18 0.28 1.53 -11.79
CA SER A 18 -0.18 1.49 -13.17
C SER A 18 0.85 0.85 -14.10
N VAL A 19 0.36 0.22 -15.15
CA VAL A 19 1.22 -0.43 -16.12
C VAL A 19 1.95 0.63 -16.94
N GLY A 20 3.21 0.37 -17.26
CA GLY A 20 3.99 1.32 -18.03
C GLY A 20 3.83 1.08 -19.53
N PHE A 21 4.54 0.08 -20.03
CA PHE A 21 4.49 -0.25 -21.44
C PHE A 21 4.74 -1.74 -21.60
N SER A 22 4.11 -2.34 -22.61
CA SER A 22 4.29 -3.76 -22.91
C SER A 22 5.67 -3.95 -23.51
N VAL A 23 6.38 -4.98 -23.07
CA VAL A 23 7.72 -5.23 -23.60
C VAL A 23 7.97 -6.73 -23.71
N THR A 24 9.07 -7.10 -24.37
CA THR A 24 9.45 -8.49 -24.52
C THR A 24 10.94 -8.62 -24.28
N ARG A 25 11.34 -9.72 -23.66
CA ARG A 25 12.76 -10.02 -23.43
C ARG A 25 12.95 -11.40 -24.05
N GLY A 26 13.19 -11.40 -25.36
CA GLY A 26 13.35 -12.65 -26.09
C GLY A 26 11.96 -13.18 -26.31
N ALA A 27 11.70 -14.38 -25.80
CA ALA A 27 10.38 -14.99 -25.93
C ALA A 27 9.50 -14.60 -24.75
N THR A 28 10.13 -14.06 -23.70
CA THR A 28 9.41 -13.66 -22.51
C THR A 28 8.61 -12.38 -22.69
N LYS A 29 7.37 -12.39 -22.21
CA LYS A 29 6.49 -11.24 -22.30
C LYS A 29 6.59 -10.51 -20.98
N GLY A 30 6.21 -9.24 -20.96
CA GLY A 30 6.27 -8.50 -19.72
C GLY A 30 5.90 -7.05 -19.90
N PHE A 31 6.00 -6.27 -18.83
CA PHE A 31 5.71 -4.84 -18.90
C PHE A 31 6.56 -4.05 -17.92
N VAL A 32 6.91 -2.82 -18.29
CA VAL A 32 7.72 -1.98 -17.44
C VAL A 32 6.83 -1.16 -16.54
N THR A 33 7.33 -0.83 -15.35
CA THR A 33 6.58 -0.06 -14.38
C THR A 33 7.57 0.57 -13.39
N ALA A 34 7.06 1.26 -12.37
CA ALA A 34 7.94 1.90 -11.40
C ALA A 34 8.51 0.89 -10.40
N GLY A 35 9.77 1.07 -10.03
CA GLY A 35 10.41 0.18 -9.07
C GLY A 35 9.87 0.22 -7.65
N HIS A 36 9.39 1.37 -7.20
CA HIS A 36 8.87 1.49 -5.85
C HIS A 36 7.51 0.80 -5.69
N CYS A 37 6.96 0.31 -6.80
CA CYS A 37 5.67 -0.37 -6.79
C CYS A 37 5.72 -1.77 -6.18
N GLY A 38 6.88 -2.39 -6.23
CA GLY A 38 7.01 -3.73 -5.67
C GLY A 38 8.43 -4.23 -5.58
N THR A 39 8.59 -5.38 -4.93
CA THR A 39 9.89 -6.00 -4.77
C THR A 39 9.95 -7.23 -5.65
N VAL A 40 11.15 -7.77 -5.85
CA VAL A 40 11.30 -8.95 -6.68
C VAL A 40 10.37 -10.07 -6.23
N ASN A 41 9.83 -10.80 -7.19
CA ASN A 41 8.93 -11.93 -6.93
C ASN A 41 7.53 -11.52 -6.53
N ALA A 42 7.34 -10.26 -6.15
CA ALA A 42 6.00 -9.83 -5.77
C ALA A 42 5.04 -10.23 -6.88
N THR A 43 3.81 -10.54 -6.54
CA THR A 43 2.84 -10.99 -7.55
C THR A 43 1.96 -9.90 -8.08
N ALA A 44 1.86 -9.86 -9.41
CA ALA A 44 1.05 -8.87 -10.09
C ALA A 44 -0.25 -9.47 -10.63
N ARG A 45 -1.35 -8.78 -10.40
CA ARG A 45 -2.65 -9.24 -10.88
C ARG A 45 -3.43 -8.12 -11.55
N ILE A 46 -4.04 -8.44 -12.69
CA ILE A 46 -4.87 -7.48 -13.41
C ILE A 46 -6.29 -8.04 -13.33
N GLY A 47 -7.21 -7.23 -12.83
CA GLY A 47 -8.59 -7.67 -12.72
C GLY A 47 -8.78 -8.99 -11.96
N GLY A 48 -7.96 -9.22 -10.94
CA GLY A 48 -8.10 -10.43 -10.15
C GLY A 48 -7.20 -11.59 -10.50
N ALA A 49 -6.86 -11.73 -11.78
CA ALA A 49 -6.00 -12.83 -12.22
C ALA A 49 -4.51 -12.54 -12.14
N VAL A 50 -3.74 -13.55 -11.75
CA VAL A 50 -2.29 -13.44 -11.65
C VAL A 50 -1.76 -13.42 -13.08
N VAL A 51 -1.01 -12.37 -13.42
CA VAL A 51 -0.47 -12.26 -14.76
C VAL A 51 1.04 -12.48 -14.78
N GLY A 52 1.67 -12.31 -13.62
CA GLY A 52 3.11 -12.49 -13.55
C GLY A 52 3.71 -11.94 -12.28
N THR A 53 5.04 -11.95 -12.21
CA THR A 53 5.73 -11.45 -11.02
C THR A 53 6.84 -10.46 -11.36
N PHE A 54 7.21 -9.65 -10.38
CA PHE A 54 8.27 -8.68 -10.57
C PHE A 54 9.57 -9.43 -10.81
N ALA A 55 10.17 -9.25 -11.98
CA ALA A 55 11.41 -9.94 -12.31
C ALA A 55 12.67 -9.22 -11.81
N ALA A 56 12.59 -7.89 -11.72
CA ALA A 56 13.73 -7.10 -11.27
C ALA A 56 13.27 -5.68 -10.96
N ARG A 57 14.11 -4.94 -10.23
CA ARG A 57 13.74 -3.59 -9.86
C ARG A 57 14.87 -2.86 -9.14
N VAL A 58 14.85 -1.54 -9.26
CA VAL A 58 15.82 -0.69 -8.59
C VAL A 58 15.07 0.50 -8.01
N PHE A 59 15.26 0.71 -6.71
CA PHE A 59 14.63 1.81 -6.00
C PHE A 59 15.06 1.75 -4.55
N PRO A 60 15.56 2.86 -4.01
CA PRO A 60 15.75 4.15 -4.69
C PRO A 60 16.99 4.16 -5.59
N GLY A 61 17.50 5.35 -5.87
CA GLY A 61 18.65 5.48 -6.77
C GLY A 61 18.03 5.72 -8.13
N ASN A 62 17.30 4.72 -8.60
CA ASN A 62 16.55 4.78 -9.86
C ASN A 62 15.15 4.44 -9.38
N ASP A 63 14.21 4.37 -10.29
CA ASP A 63 12.85 3.96 -9.92
C ASP A 63 12.29 3.20 -11.11
N ARG A 64 12.79 1.99 -11.28
CA ARG A 64 12.40 1.16 -12.41
C ARG A 64 12.22 -0.29 -12.05
N ALA A 65 11.48 -0.98 -12.89
CA ALA A 65 11.24 -2.40 -12.69
C ALA A 65 10.47 -2.94 -13.89
N TRP A 66 10.44 -4.27 -13.99
CA TRP A 66 9.68 -4.91 -15.05
C TRP A 66 9.09 -6.21 -14.54
N VAL A 67 7.88 -6.50 -15.03
CA VAL A 67 7.15 -7.69 -14.64
C VAL A 67 7.16 -8.70 -15.78
N SER A 68 7.65 -9.91 -15.53
CA SER A 68 7.64 -10.95 -16.54
C SER A 68 6.29 -11.64 -16.41
N LEU A 69 5.55 -11.73 -17.50
CA LEU A 69 4.22 -12.35 -17.45
C LEU A 69 4.14 -13.79 -17.96
N THR A 70 2.93 -14.35 -17.89
CA THR A 70 2.69 -15.71 -18.36
C THR A 70 2.40 -15.65 -19.85
N SER A 71 2.63 -16.77 -20.53
CA SER A 71 2.40 -16.85 -21.97
C SER A 71 0.98 -16.48 -22.39
N ALA A 72 0.02 -16.69 -21.49
CA ALA A 72 -1.38 -16.40 -21.77
C ALA A 72 -1.73 -14.92 -21.85
N GLN A 73 -0.76 -14.05 -21.54
CA GLN A 73 -1.01 -12.61 -21.57
C GLN A 73 -0.96 -12.04 -22.98
N THR A 74 -1.83 -11.07 -23.25
CA THR A 74 -1.86 -10.41 -24.56
C THR A 74 -1.25 -9.01 -24.48
N LEU A 75 -0.09 -8.85 -25.11
CA LEU A 75 0.62 -7.57 -25.14
C LEU A 75 0.16 -6.71 -26.33
N LEU A 76 -0.38 -5.53 -26.03
CA LEU A 76 -0.83 -4.60 -27.06
C LEU A 76 0.07 -3.37 -27.00
N PRO A 77 0.47 -2.82 -28.17
CA PRO A 77 1.33 -1.63 -28.16
C PRO A 77 0.48 -0.38 -28.02
N ARG A 78 -0.26 -0.29 -26.92
CA ARG A 78 -1.11 0.85 -26.68
C ARG A 78 -0.97 1.44 -25.29
N VAL A 79 -1.59 2.59 -25.12
CA VAL A 79 -1.59 3.29 -23.84
C VAL A 79 -3.02 3.77 -23.67
N ALA A 80 -3.65 3.39 -22.56
CA ALA A 80 -5.02 3.79 -22.28
C ALA A 80 -5.16 5.32 -22.29
N ASN A 81 -6.18 5.81 -22.97
CA ASN A 81 -6.44 7.25 -23.04
C ASN A 81 -7.94 7.41 -22.82
N GLY A 82 -8.36 7.22 -21.59
CA GLY A 82 -9.78 7.31 -21.27
C GLY A 82 -10.39 6.02 -21.77
N SER A 83 -11.23 6.12 -22.80
CA SER A 83 -11.87 4.95 -23.38
C SER A 83 -11.13 4.59 -24.66
N SER A 84 -10.40 5.56 -25.21
CA SER A 84 -9.63 5.35 -26.42
C SER A 84 -8.27 4.74 -26.11
N PHE A 85 -7.37 4.77 -27.10
CA PHE A 85 -6.05 4.21 -26.92
C PHE A 85 -5.07 4.86 -27.89
N VAL A 86 -3.93 5.29 -27.38
CA VAL A 86 -2.89 5.89 -28.20
C VAL A 86 -1.95 4.76 -28.59
N THR A 87 -1.45 4.77 -29.81
CA THR A 87 -0.55 3.72 -30.26
C THR A 87 0.91 4.06 -30.01
N VAL A 88 1.61 3.13 -29.38
CA VAL A 88 3.02 3.29 -29.08
C VAL A 88 3.80 2.97 -30.35
N ARG A 89 4.52 3.97 -30.87
CA ARG A 89 5.28 3.79 -32.10
C ARG A 89 6.79 3.81 -31.92
N GLY A 90 7.27 4.10 -30.72
CA GLY A 90 8.70 4.12 -30.50
C GLY A 90 9.07 4.66 -29.15
N SER A 91 10.37 4.81 -28.90
CA SER A 91 10.85 5.31 -27.63
C SER A 91 11.79 6.49 -27.83
N THR A 92 11.52 7.33 -28.83
CA THR A 92 12.38 8.48 -29.07
C THR A 92 12.17 9.54 -28.01
N GLU A 93 13.24 9.90 -27.32
CA GLU A 93 13.18 10.89 -26.26
C GLU A 93 12.90 12.29 -26.77
N ALA A 94 11.88 12.93 -26.19
CA ALA A 94 11.51 14.28 -26.59
C ALA A 94 12.37 15.30 -25.83
N ALA A 95 12.49 16.49 -26.40
CA ALA A 95 13.28 17.56 -25.81
C ALA A 95 12.52 18.35 -24.75
N VAL A 96 13.28 19.05 -23.91
CA VAL A 96 12.70 19.90 -22.87
C VAL A 96 11.79 20.91 -23.56
N GLY A 97 10.61 21.11 -22.99
CA GLY A 97 9.66 22.05 -23.57
C GLY A 97 8.67 21.34 -24.50
N ALA A 98 8.89 20.06 -24.78
CA ALA A 98 8.00 19.29 -25.66
C ALA A 98 6.68 18.93 -24.99
N ALA A 99 5.63 18.75 -25.78
CA ALA A 99 4.34 18.37 -25.24
C ALA A 99 4.36 16.88 -24.89
N VAL A 100 3.92 16.55 -23.69
CA VAL A 100 3.90 15.16 -23.26
C VAL A 100 2.65 14.85 -22.44
N CYS A 101 2.12 13.65 -22.62
CA CYS A 101 0.93 13.27 -21.88
C CYS A 101 1.17 12.00 -21.09
N ARG A 102 0.36 11.78 -20.08
CA ARG A 102 0.53 10.60 -19.28
C ARG A 102 -0.80 9.94 -18.97
N SER A 103 -0.73 8.64 -18.71
CA SER A 103 -1.92 7.88 -18.39
C SER A 103 -1.70 7.06 -17.13
N GLY A 104 -2.74 7.01 -16.31
CA GLY A 104 -2.68 6.27 -15.07
C GLY A 104 -4.10 6.04 -14.59
N ARG A 105 -4.28 5.02 -13.75
CA ARG A 105 -5.61 4.67 -13.24
C ARG A 105 -6.27 5.71 -12.34
N THR A 106 -5.50 6.63 -11.77
CA THR A 106 -6.08 7.64 -10.88
C THR A 106 -6.59 8.92 -11.55
N THR A 107 -5.73 9.60 -12.31
CA THR A 107 -6.16 10.85 -12.95
C THR A 107 -6.47 10.75 -14.44
N GLY A 108 -6.27 9.56 -15.02
CA GLY A 108 -6.56 9.39 -16.44
C GLY A 108 -5.49 9.86 -17.40
N TYR A 109 -5.91 10.56 -18.45
CA TYR A 109 -5.02 11.07 -19.50
C TYR A 109 -4.83 12.60 -19.45
N GLN A 110 -3.67 13.03 -18.95
CA GLN A 110 -3.35 14.46 -18.83
C GLN A 110 -2.10 14.85 -19.61
N CYS A 111 -2.11 16.07 -20.16
CA CYS A 111 -0.95 16.56 -20.91
C CYS A 111 -0.31 17.76 -20.26
N GLY A 112 0.94 18.00 -20.63
CA GLY A 112 1.70 19.12 -20.10
C GLY A 112 2.97 19.15 -20.91
N THR A 113 4.04 19.73 -20.37
CA THR A 113 5.30 19.76 -21.09
C THR A 113 6.41 19.26 -20.20
N ILE A 114 7.53 18.89 -20.83
CA ILE A 114 8.70 18.43 -20.11
C ILE A 114 9.41 19.74 -19.68
N THR A 115 9.63 19.93 -18.39
CA THR A 115 10.28 21.16 -17.92
C THR A 115 11.73 21.03 -17.48
N ALA A 116 12.21 19.81 -17.21
CA ALA A 116 13.59 19.62 -16.78
C ALA A 116 13.99 18.16 -16.87
N LYS A 117 15.29 17.92 -17.01
CA LYS A 117 15.82 16.57 -17.11
C LYS A 117 16.91 16.32 -16.06
N ASN A 118 17.22 15.05 -15.82
CA ASN A 118 18.23 14.67 -14.84
C ASN A 118 17.98 15.27 -13.46
N VAL A 119 16.73 15.23 -13.02
CA VAL A 119 16.33 15.74 -11.72
C VAL A 119 16.66 14.73 -10.61
N THR A 120 17.17 15.23 -9.48
CA THR A 120 17.47 14.36 -8.35
C THR A 120 16.34 14.62 -7.37
N ALA A 121 15.65 13.56 -6.96
CA ALA A 121 14.52 13.69 -6.06
C ALA A 121 14.83 13.16 -4.67
N ASN A 122 14.51 13.99 -3.68
CA ASN A 122 14.72 13.66 -2.27
C ASN A 122 13.52 12.94 -1.67
N TYR A 123 13.30 11.71 -2.10
CA TYR A 123 12.18 10.91 -1.61
C TYR A 123 12.48 10.41 -0.19
N ALA A 124 11.45 10.34 0.64
CA ALA A 124 11.61 9.86 2.01
C ALA A 124 12.36 8.52 2.05
N GLU A 125 12.18 7.70 1.02
CA GLU A 125 12.84 6.39 0.96
C GLU A 125 14.28 6.49 0.51
N GLY A 126 14.65 7.65 -0.03
CA GLY A 126 16.01 7.82 -0.52
C GLY A 126 15.99 8.60 -1.80
N ALA A 127 17.12 9.20 -2.15
CA ALA A 127 17.18 9.98 -3.37
C ALA A 127 17.12 9.11 -4.62
N VAL A 128 16.55 9.68 -5.68
CA VAL A 128 16.45 9.02 -6.96
C VAL A 128 16.96 10.07 -7.93
N ARG A 129 17.96 9.73 -8.72
CA ARG A 129 18.49 10.72 -9.65
C ARG A 129 18.09 10.39 -11.09
N GLY A 130 18.41 11.31 -12.00
CA GLY A 130 18.11 11.11 -13.41
C GLY A 130 16.66 11.17 -13.84
N LEU A 131 15.77 11.68 -12.98
CA LEU A 131 14.37 11.76 -13.36
C LEU A 131 14.08 12.94 -14.27
N THR A 132 13.03 12.80 -15.08
CA THR A 132 12.62 13.88 -15.96
C THR A 132 11.37 14.49 -15.32
N GLN A 133 11.27 15.81 -15.39
CA GLN A 133 10.16 16.54 -14.81
C GLN A 133 9.22 17.13 -15.85
N GLY A 134 7.91 17.02 -15.57
CA GLY A 134 6.90 17.55 -16.46
C GLY A 134 5.86 18.28 -15.62
N ASN A 135 4.93 19.00 -16.27
CA ASN A 135 3.92 19.69 -15.48
C ASN A 135 2.51 19.17 -15.66
N ALA A 136 2.38 17.99 -16.25
CA ALA A 136 1.07 17.36 -16.38
C ALA A 136 0.82 16.89 -14.96
N CYS A 137 -0.42 17.00 -14.49
CA CYS A 137 -0.71 16.57 -13.13
C CYS A 137 -0.88 15.06 -13.00
N MET A 138 -0.78 14.57 -11.77
CA MET A 138 -0.95 13.15 -11.47
C MET A 138 -1.29 12.99 -9.99
N GLY A 139 -1.60 11.76 -9.59
CA GLY A 139 -1.94 11.50 -8.21
C GLY A 139 -1.47 10.13 -7.80
N ARG A 140 -1.70 9.74 -6.55
CA ARG A 140 -1.26 8.43 -6.08
C ARG A 140 -1.97 7.31 -6.83
N GLY A 141 -1.22 6.28 -7.17
CA GLY A 141 -1.79 5.17 -7.92
C GLY A 141 -1.32 5.29 -9.36
N ASP A 142 -1.07 6.51 -9.80
CA ASP A 142 -0.61 6.77 -11.16
C ASP A 142 0.82 6.29 -11.41
N SER A 143 1.56 6.02 -10.34
CA SER A 143 2.95 5.57 -10.51
C SER A 143 3.06 4.34 -11.40
N GLY A 144 4.17 4.26 -12.11
CA GLY A 144 4.40 3.15 -13.03
C GLY A 144 3.74 3.48 -14.35
N GLY A 145 2.75 4.39 -14.30
CA GLY A 145 2.01 4.79 -15.48
C GLY A 145 2.82 5.36 -16.63
N SER A 146 2.23 5.33 -17.82
CA SER A 146 2.91 5.79 -19.03
C SER A 146 2.91 7.29 -19.29
N TRP A 147 4.04 7.74 -19.83
CA TRP A 147 4.25 9.14 -20.23
C TRP A 147 4.59 8.94 -21.71
N ILE A 148 3.87 9.61 -22.58
CA ILE A 148 4.06 9.45 -24.00
C ILE A 148 3.82 10.78 -24.74
N THR A 149 4.43 10.96 -25.91
CA THR A 149 4.23 12.18 -26.69
C THR A 149 2.98 12.05 -27.54
N SER A 150 2.50 13.19 -28.02
CA SER A 150 1.30 13.25 -28.84
C SER A 150 1.40 12.37 -30.09
N ALA A 151 2.62 12.03 -30.49
CA ALA A 151 2.83 11.20 -31.68
C ALA A 151 3.14 9.75 -31.35
N GLY A 152 2.91 9.35 -30.11
CA GLY A 152 3.15 7.98 -29.69
C GLY A 152 4.56 7.59 -29.29
N GLN A 153 5.45 8.55 -29.06
CA GLN A 153 6.81 8.20 -28.63
C GLN A 153 6.84 8.04 -27.11
N ALA A 154 7.08 6.80 -26.66
CA ALA A 154 7.13 6.44 -25.26
C ALA A 154 8.25 7.16 -24.52
N GLN A 155 7.90 7.89 -23.48
CA GLN A 155 8.90 8.66 -22.73
C GLN A 155 9.39 8.00 -21.46
N GLY A 156 8.49 7.49 -20.64
CA GLY A 156 8.90 6.84 -19.41
C GLY A 156 7.74 6.45 -18.52
N VAL A 157 8.06 6.04 -17.29
CA VAL A 157 7.04 5.62 -16.34
C VAL A 157 7.02 6.54 -15.13
N ALA A 158 5.81 6.88 -14.69
CA ALA A 158 5.58 7.76 -13.56
C ALA A 158 6.27 7.28 -12.26
N SER A 159 6.98 8.20 -11.61
CA SER A 159 7.69 7.89 -10.37
C SER A 159 7.09 8.59 -9.16
N GLY A 160 6.97 9.91 -9.24
CA GLY A 160 6.41 10.65 -8.12
C GLY A 160 6.20 12.12 -8.43
N GLY A 161 5.81 12.88 -7.41
CA GLY A 161 5.58 14.30 -7.60
C GLY A 161 5.11 14.99 -6.32
N ASN A 162 4.91 16.30 -6.39
CA ASN A 162 4.48 17.07 -5.24
C ASN A 162 2.96 17.08 -5.14
N VAL A 163 2.42 16.03 -4.53
CA VAL A 163 0.99 15.89 -4.39
C VAL A 163 0.46 16.72 -3.23
N GLN A 164 -0.81 17.08 -3.30
CA GLN A 164 -1.42 17.87 -2.24
C GLN A 164 -2.17 16.94 -1.30
N SER A 165 -3.00 17.53 -0.44
CA SER A 165 -3.79 16.75 0.51
C SER A 165 -4.73 15.78 -0.22
N ASN A 166 -5.30 16.23 -1.33
CA ASN A 166 -6.23 15.41 -2.12
C ASN A 166 -5.53 14.23 -2.81
N GLY A 167 -4.21 14.16 -2.68
CA GLY A 167 -3.48 13.05 -3.29
C GLY A 167 -2.94 13.27 -4.69
N ASN A 168 -3.01 14.50 -5.19
CA ASN A 168 -2.51 14.79 -6.53
C ASN A 168 -2.11 16.25 -6.61
N ASN A 169 -1.56 16.66 -7.74
CA ASN A 169 -1.14 18.05 -7.94
C ASN A 169 -1.92 18.71 -9.09
N CYS A 170 -3.12 18.19 -9.34
CA CYS A 170 -3.98 18.73 -10.39
C CYS A 170 -4.63 20.01 -9.89
N GLY A 171 -4.70 20.17 -8.57
CA GLY A 171 -5.31 21.34 -7.98
C GLY A 171 -4.44 22.57 -7.92
N ILE A 172 -3.16 22.43 -8.24
CA ILE A 172 -2.25 23.57 -8.25
C ILE A 172 -1.89 23.88 -9.70
N PRO A 173 -1.60 25.16 -10.01
CA PRO A 173 -1.24 25.58 -11.36
C PRO A 173 -0.05 24.83 -11.97
N ALA A 174 -0.13 24.60 -13.28
CA ALA A 174 0.92 23.90 -14.00
C ALA A 174 2.30 24.43 -13.69
N SER A 175 2.41 25.76 -13.60
CA SER A 175 3.70 26.40 -13.32
C SER A 175 4.34 25.95 -12.01
N GLN A 176 3.55 25.34 -11.13
CA GLN A 176 4.07 24.89 -9.84
C GLN A 176 4.06 23.37 -9.65
N ARG A 177 3.77 22.62 -10.70
CA ARG A 177 3.75 21.17 -10.60
C ARG A 177 5.10 20.53 -10.85
N SER A 178 5.43 19.57 -10.01
CA SER A 178 6.65 18.80 -10.13
C SER A 178 6.21 17.33 -10.23
N SER A 179 6.04 16.85 -11.47
CA SER A 179 5.64 15.47 -11.73
C SER A 179 6.82 14.81 -12.39
N LEU A 180 7.37 13.80 -11.72
CA LEU A 180 8.55 13.10 -12.21
C LEU A 180 8.34 11.71 -12.76
N PHE A 181 9.17 11.36 -13.74
CA PHE A 181 9.10 10.06 -14.34
C PHE A 181 10.49 9.56 -14.70
N GLU A 182 10.65 8.24 -14.60
CA GLU A 182 11.89 7.56 -14.91
C GLU A 182 11.94 7.41 -16.44
N ARG A 183 13.07 7.72 -17.05
CA ARG A 183 13.20 7.60 -18.50
C ARG A 183 13.10 6.13 -18.94
N LEU A 184 12.36 5.89 -20.02
CA LEU A 184 12.15 4.54 -20.55
C LEU A 184 13.41 3.81 -21.06
N GLN A 185 14.12 4.46 -21.98
CA GLN A 185 15.32 3.88 -22.59
C GLN A 185 16.30 3.19 -21.65
N PRO A 186 16.65 3.80 -20.51
CA PRO A 186 17.58 3.14 -19.59
C PRO A 186 17.01 1.86 -18.99
N ILE A 187 15.69 1.76 -18.97
CA ILE A 187 15.03 0.58 -18.44
C ILE A 187 15.14 -0.53 -19.47
N LEU A 188 14.74 -0.24 -20.70
CA LEU A 188 14.82 -1.22 -21.79
C LEU A 188 16.23 -1.73 -21.95
N SER A 189 17.18 -0.79 -21.89
CA SER A 189 18.57 -1.11 -22.06
C SER A 189 19.21 -1.88 -20.90
N GLN A 190 18.75 -1.64 -19.67
CA GLN A 190 19.33 -2.33 -18.52
C GLN A 190 18.90 -3.79 -18.46
N TYR A 191 17.63 -4.03 -18.73
CA TYR A 191 17.10 -5.39 -18.67
C TYR A 191 17.02 -6.01 -20.05
N GLY A 192 17.74 -5.42 -21.00
CA GLY A 192 17.73 -5.93 -22.36
C GLY A 192 16.33 -6.21 -22.89
N LEU A 193 15.43 -5.25 -22.68
CA LEU A 193 14.05 -5.39 -23.14
C LEU A 193 13.87 -4.68 -24.46
N SER A 194 12.79 -5.03 -25.14
CA SER A 194 12.46 -4.44 -26.42
C SER A 194 10.98 -4.07 -26.36
N LEU A 195 10.70 -2.81 -26.67
CA LEU A 195 9.35 -2.26 -26.64
C LEU A 195 8.42 -2.81 -27.72
N VAL A 196 7.17 -3.04 -27.34
CA VAL A 196 6.18 -3.53 -28.28
C VAL A 196 5.57 -2.32 -28.96
N THR A 197 5.93 -2.12 -30.23
CA THR A 197 5.42 -0.98 -30.98
C THR A 197 4.41 -1.37 -32.06
N GLY A 198 3.65 -0.39 -32.53
CA GLY A 198 2.65 -0.63 -33.55
C GLY A 198 2.64 0.43 -34.65
N PRO B 6 -5.70 12.33 -32.68
CA PRO B 6 -7.18 12.34 -32.84
C PRO B 6 -7.87 12.72 -31.53
N GLN B 7 -8.05 11.75 -30.65
CA GLN B 7 -8.70 12.00 -29.35
C GLN B 7 -7.66 12.68 -28.48
N LEU B 8 -6.41 12.63 -28.94
CA LEU B 8 -5.30 13.23 -28.24
C LEU B 8 -5.31 14.74 -28.54
N LYS B 9 -5.85 15.09 -29.70
CA LYS B 9 -5.93 16.48 -30.12
C LYS B 9 -6.68 17.32 -29.11
N PHE B 10 -7.70 16.74 -28.49
CA PHE B 10 -8.50 17.47 -27.51
C PHE B 10 -7.71 17.78 -26.23
N ALA B 11 -6.93 16.80 -25.77
CA ALA B 11 -6.13 16.99 -24.56
C ALA B 11 -5.09 18.09 -24.78
N MET B 12 -4.52 18.14 -25.98
CA MET B 12 -3.52 19.15 -26.31
C MET B 12 -4.12 20.55 -26.24
N GLN B 13 -5.36 20.69 -26.72
CA GLN B 13 -6.05 21.97 -26.69
C GLN B 13 -6.51 22.30 -25.28
N ARG B 14 -6.89 21.28 -24.53
CA ARG B 14 -7.37 21.42 -23.16
C ARG B 14 -6.31 21.87 -22.15
N ASP B 15 -5.20 21.13 -22.08
CA ASP B 15 -4.16 21.45 -21.11
C ASP B 15 -2.97 22.27 -21.61
N LEU B 16 -2.83 22.40 -22.92
CA LEU B 16 -1.70 23.13 -23.46
C LEU B 16 -2.07 24.29 -24.37
N GLY B 17 -3.37 24.50 -24.58
CA GLY B 17 -3.79 25.60 -25.42
C GLY B 17 -3.22 25.52 -26.82
N ILE B 18 -2.91 24.30 -27.25
CA ILE B 18 -2.40 24.12 -28.60
C ILE B 18 -3.64 23.81 -29.42
N PHE B 19 -3.98 24.72 -30.32
CA PHE B 19 -5.14 24.57 -31.17
C PHE B 19 -4.75 23.87 -32.46
N PRO B 20 -5.74 23.27 -33.15
CA PRO B 20 -5.53 22.56 -34.43
C PRO B 20 -4.64 23.24 -35.46
N THR B 21 -4.87 24.52 -35.71
CA THR B 21 -4.08 25.26 -36.70
C THR B 21 -2.63 25.46 -36.24
N GLN B 22 -2.39 25.21 -34.96
CA GLN B 22 -1.05 25.39 -34.39
C GLN B 22 -0.27 24.08 -34.29
N LEU B 23 -0.96 22.96 -34.44
CA LEU B 23 -0.34 21.66 -34.36
C LEU B 23 0.85 21.41 -35.26
N PRO B 24 0.70 21.65 -36.58
CA PRO B 24 1.81 21.43 -37.51
C PRO B 24 3.08 22.20 -37.16
N GLN B 25 2.94 23.49 -36.88
CA GLN B 25 4.09 24.29 -36.52
C GLN B 25 4.73 23.72 -35.26
N TYR B 26 3.92 23.42 -34.26
CA TYR B 26 4.43 22.83 -33.04
C TYR B 26 5.24 21.56 -33.36
N LEU B 27 4.62 20.63 -34.09
CA LEU B 27 5.27 19.36 -34.48
C LEU B 27 6.60 19.56 -35.20
N GLN B 28 6.62 20.50 -36.13
CA GLN B 28 7.83 20.82 -36.88
C GLN B 28 8.93 21.27 -35.91
N THR B 29 8.57 22.12 -34.95
CA THR B 29 9.50 22.61 -33.96
C THR B 29 10.00 21.47 -33.08
N GLU B 30 9.13 20.50 -32.79
CA GLU B 30 9.53 19.37 -31.96
C GLU B 30 10.51 18.46 -32.70
N LYS B 31 10.32 18.31 -34.00
CA LYS B 31 11.24 17.47 -34.77
C LYS B 31 12.62 18.12 -34.82
N LEU B 32 12.63 19.43 -35.06
CA LEU B 32 13.88 20.20 -35.15
C LEU B 32 14.73 20.13 -33.89
N ALA B 33 14.09 20.19 -32.72
CA ALA B 33 14.79 20.14 -31.45
C ALA B 33 15.48 18.79 -31.28
N ARG B 34 14.85 17.75 -31.78
CA ARG B 34 15.41 16.42 -31.64
C ARG B 34 16.54 16.15 -32.63
N THR B 35 16.31 16.49 -33.89
CA THR B 35 17.28 16.24 -34.96
C THR B 35 18.49 17.15 -34.98
N GLN B 36 18.38 18.34 -34.39
CA GLN B 36 19.48 19.31 -34.39
C GLN B 36 20.30 19.35 -33.10
N ALA B 37 19.70 18.90 -32.01
CA ALA B 37 20.33 18.93 -30.69
C ALA B 37 21.84 18.67 -30.62
N ALA B 38 22.30 17.57 -31.20
CA ALA B 38 23.72 17.27 -31.17
C ALA B 38 24.47 18.33 -31.97
N ALA B 39 23.91 18.68 -33.12
CA ALA B 39 24.53 19.67 -33.97
C ALA B 39 24.68 21.01 -33.24
N ILE B 40 23.64 21.42 -32.52
CA ILE B 40 23.70 22.69 -31.79
C ILE B 40 24.71 22.62 -30.66
N GLU B 41 24.84 21.46 -30.06
CA GLU B 41 25.77 21.25 -28.96
C GLU B 41 27.23 21.32 -29.44
N ARG B 42 27.51 20.70 -30.57
CA ARG B 42 28.87 20.71 -31.12
C ARG B 42 29.25 22.12 -31.53
N GLU B 43 28.34 22.79 -32.23
CA GLU B 43 28.57 24.15 -32.72
C GLU B 43 29.00 25.17 -31.66
N PHE B 44 28.43 25.07 -30.47
CA PHE B 44 28.76 26.02 -29.41
C PHE B 44 29.85 25.53 -28.48
N GLY B 45 30.32 24.31 -28.71
CA GLY B 45 31.35 23.74 -27.89
C GLY B 45 31.13 23.94 -26.40
N ALA B 46 32.23 24.06 -25.68
CA ALA B 46 32.23 24.23 -24.23
C ALA B 46 31.44 25.45 -23.73
N GLN B 47 31.08 26.34 -24.63
CA GLN B 47 30.32 27.52 -24.22
C GLN B 47 28.81 27.23 -24.26
N PHE B 48 28.46 26.04 -24.74
CA PHE B 48 27.06 25.61 -24.83
C PHE B 48 26.35 25.71 -23.47
N ALA B 49 25.15 26.28 -23.48
CA ALA B 49 24.38 26.46 -22.25
C ALA B 49 23.01 25.77 -22.33
N GLY B 50 22.89 24.78 -23.21
CA GLY B 50 21.64 24.03 -23.36
C GLY B 50 20.68 24.57 -24.39
N SER B 51 19.68 23.75 -24.74
CA SER B 51 18.64 24.14 -25.70
C SER B 51 17.31 23.62 -25.20
N TRP B 52 16.22 24.14 -25.74
CA TRP B 52 14.88 23.75 -25.34
C TRP B 52 13.84 24.39 -26.24
N ILE B 53 12.63 23.85 -26.21
CA ILE B 53 11.55 24.38 -27.03
C ILE B 53 10.82 25.42 -26.21
N GLU B 54 10.42 26.51 -26.86
CA GLU B 54 9.71 27.58 -26.17
C GLU B 54 8.49 28.08 -26.94
N ARG B 55 7.54 28.62 -26.19
CA ARG B 55 6.33 29.15 -26.79
C ARG B 55 6.25 30.66 -26.72
N ASN B 56 5.97 31.30 -27.87
CA ASN B 56 5.82 32.74 -27.92
C ASN B 56 4.46 33.10 -27.33
N GLU B 57 4.18 34.39 -27.14
CA GLU B 57 2.90 34.80 -26.56
C GLU B 57 1.81 34.87 -27.63
N ASP B 58 2.23 34.76 -28.89
CA ASP B 58 1.30 34.78 -30.00
C ASP B 58 0.79 33.34 -30.27
N GLY B 59 1.50 32.35 -29.75
CA GLY B 59 1.09 30.97 -29.94
C GLY B 59 2.13 30.05 -30.58
N SER B 60 2.92 30.59 -31.48
CA SER B 60 3.94 29.81 -32.18
C SER B 60 4.99 29.27 -31.23
N PHE B 61 5.72 28.26 -31.68
CA PHE B 61 6.77 27.64 -30.89
C PHE B 61 8.10 27.86 -31.61
N LYS B 62 9.20 27.80 -30.86
CA LYS B 62 10.51 27.97 -31.44
C LYS B 62 11.54 27.23 -30.62
N LEU B 63 12.65 26.88 -31.26
CA LEU B 63 13.74 26.19 -30.60
C LEU B 63 14.78 27.23 -30.13
N VAL B 64 15.10 27.23 -28.84
CA VAL B 64 16.07 28.17 -28.30
C VAL B 64 17.36 27.48 -27.90
N ALA B 65 18.48 28.09 -28.28
CA ALA B 65 19.80 27.56 -27.95
C ALA B 65 20.52 28.65 -27.15
N ALA B 66 21.16 28.26 -26.05
CA ALA B 66 21.85 29.24 -25.20
C ALA B 66 23.36 29.05 -25.21
N THR B 67 24.08 30.16 -25.04
CA THR B 67 25.54 30.13 -25.02
C THR B 67 26.10 31.10 -23.99
N SER B 68 27.23 30.74 -23.39
CA SER B 68 27.88 31.58 -22.39
C SER B 68 28.87 32.54 -23.07
N GLY B 69 29.24 32.22 -24.31
CA GLY B 69 30.16 33.06 -25.06
C GLY B 69 29.46 34.10 -25.94
N ALA B 70 30.08 34.45 -27.06
CA ALA B 70 29.52 35.44 -27.99
C ALA B 70 28.44 34.85 -28.89
N ARG B 71 28.85 34.01 -29.84
CA ARG B 71 27.93 33.35 -30.77
C ARG B 71 26.99 34.27 -31.56
N LYS B 72 26.01 34.87 -30.88
CA LYS B 72 25.04 35.77 -31.52
C LYS B 72 24.09 35.02 -32.46
N SER B 73 24.59 33.99 -33.13
CA SER B 73 23.76 33.22 -34.05
C SER B 73 24.31 31.81 -34.32
N SER B 74 23.52 31.00 -35.01
CA SER B 74 23.90 29.63 -35.32
C SER B 74 23.97 29.35 -36.82
N THR B 75 24.63 28.25 -37.18
CA THR B 75 24.77 27.82 -38.57
C THR B 75 23.49 27.13 -39.02
N LEU B 76 22.55 26.97 -38.09
CA LEU B 76 21.27 26.32 -38.37
C LEU B 76 20.12 27.30 -38.25
N GLY B 77 19.41 27.50 -39.36
CA GLY B 77 18.29 28.41 -39.36
C GLY B 77 17.21 28.04 -38.36
N GLY B 78 16.41 29.04 -37.98
CA GLY B 78 15.34 28.80 -37.02
C GLY B 78 15.82 28.34 -35.66
N VAL B 79 16.75 29.07 -35.07
CA VAL B 79 17.26 28.72 -33.74
C VAL B 79 17.63 29.98 -32.98
N GLU B 80 16.65 30.58 -32.31
CA GLU B 80 16.90 31.80 -31.54
C GLU B 80 18.02 31.57 -30.53
N VAL B 81 19.13 32.28 -30.70
CA VAL B 81 20.26 32.15 -29.78
C VAL B 81 20.15 33.15 -28.62
N ARG B 82 20.52 32.70 -27.43
CA ARG B 82 20.50 33.53 -26.23
C ARG B 82 21.84 33.48 -25.52
N ASN B 83 22.34 34.65 -25.12
CA ASN B 83 23.61 34.72 -24.42
C ASN B 83 23.31 34.68 -22.94
N VAL B 84 24.00 33.79 -22.22
CA VAL B 84 23.80 33.65 -20.79
C VAL B 84 25.13 33.63 -20.06
N ARG B 85 25.10 33.93 -18.77
CA ARG B 85 26.30 33.97 -17.95
C ARG B 85 27.04 32.64 -17.88
N TYR B 86 26.46 31.68 -17.16
CA TYR B 86 27.10 30.38 -16.95
C TYR B 86 26.90 29.37 -18.08
N SER B 87 27.88 28.49 -18.23
CA SER B 87 27.84 27.44 -19.24
C SER B 87 27.29 26.16 -18.60
N LEU B 88 26.88 25.20 -19.43
CA LEU B 88 26.32 23.96 -18.94
C LEU B 88 27.31 23.19 -18.04
N LYS B 89 28.55 23.11 -18.48
CA LYS B 89 29.58 22.42 -17.70
C LYS B 89 29.67 23.10 -16.33
N GLN B 90 29.52 24.41 -16.34
CA GLN B 90 29.56 25.20 -15.11
C GLN B 90 28.44 24.78 -14.18
N LEU B 91 27.20 24.82 -14.67
CA LEU B 91 26.04 24.46 -13.87
C LEU B 91 26.06 22.99 -13.44
N GLN B 92 26.63 22.14 -14.30
CA GLN B 92 26.73 20.71 -14.03
C GLN B 92 27.62 20.46 -12.82
N SER B 93 28.71 21.21 -12.70
CA SER B 93 29.61 21.03 -11.58
C SER B 93 28.89 21.38 -10.28
N ALA B 94 28.06 22.40 -10.34
CA ALA B 94 27.31 22.81 -9.15
C ALA B 94 26.31 21.72 -8.80
N MET B 95 25.73 21.11 -9.83
CA MET B 95 24.76 20.03 -9.65
C MET B 95 25.43 18.86 -8.95
N GLU B 96 26.64 18.56 -9.38
CA GLU B 96 27.39 17.46 -8.81
C GLU B 96 27.73 17.74 -7.34
N GLN B 97 27.97 19.00 -7.01
CA GLN B 97 28.29 19.37 -5.64
C GLN B 97 27.10 19.17 -4.70
N LEU B 98 25.88 19.34 -5.22
CA LEU B 98 24.68 19.17 -4.42
C LEU B 98 24.36 17.69 -4.27
N ASP B 99 24.57 16.93 -5.35
CA ASP B 99 24.31 15.50 -5.33
C ASP B 99 25.24 14.83 -4.32
N ALA B 100 26.44 15.37 -4.18
CA ALA B 100 27.41 14.84 -3.25
C ALA B 100 27.04 15.24 -1.83
N GLY B 101 26.78 16.53 -1.65
CA GLY B 101 26.41 17.04 -0.34
C GLY B 101 25.25 16.29 0.26
N ALA B 102 24.34 15.83 -0.59
CA ALA B 102 23.18 15.08 -0.14
C ALA B 102 23.54 13.60 0.02
N ASN B 103 24.55 13.16 -0.72
CA ASN B 103 25.00 11.76 -0.67
C ASN B 103 25.57 11.41 0.69
N ALA B 104 25.40 12.31 1.66
CA ALA B 104 25.88 12.09 3.02
C ALA B 104 24.68 11.98 3.98
N PRO B 112 17.01 13.49 6.87
CA PRO B 112 18.22 13.89 6.11
C PRO B 112 18.16 15.36 5.72
N LEU B 113 17.48 15.64 4.60
CA LEU B 113 17.35 17.01 4.10
C LEU B 113 15.90 17.46 4.13
N ASP B 114 15.28 17.36 5.31
CA ASP B 114 13.89 17.76 5.47
C ASP B 114 13.66 19.13 4.85
N GLY B 115 12.55 19.27 4.13
CA GLY B 115 12.24 20.54 3.50
C GLY B 115 12.76 20.70 2.08
N VAL B 116 13.75 19.90 1.71
CA VAL B 116 14.29 19.99 0.36
C VAL B 116 13.64 18.93 -0.53
N GLN B 117 12.97 19.38 -1.58
CA GLN B 117 12.29 18.48 -2.49
C GLN B 117 13.19 17.85 -3.56
N SER B 118 13.85 18.68 -4.35
CA SER B 118 14.69 18.17 -5.43
C SER B 118 15.54 19.28 -6.00
N TRP B 119 16.47 18.91 -6.87
CA TRP B 119 17.33 19.89 -7.52
C TRP B 119 17.71 19.45 -8.92
N TYR B 120 17.93 20.42 -9.80
CA TYR B 120 18.27 20.10 -11.17
C TYR B 120 18.81 21.32 -11.92
N VAL B 121 19.59 21.04 -12.95
CA VAL B 121 20.13 22.07 -13.82
C VAL B 121 18.96 22.51 -14.68
N ASP B 122 18.72 23.82 -14.73
CA ASP B 122 17.62 24.36 -15.53
C ASP B 122 18.16 25.37 -16.55
N PRO B 123 18.57 24.90 -17.73
CA PRO B 123 19.11 25.80 -18.76
C PRO B 123 18.19 26.97 -19.05
N ARG B 124 16.89 26.72 -19.01
CA ARG B 124 15.88 27.74 -19.28
C ARG B 124 16.11 28.99 -18.46
N SER B 125 16.60 28.83 -17.24
CA SER B 125 16.87 29.98 -16.39
C SER B 125 18.35 30.06 -16.04
N ASN B 126 19.17 29.38 -16.85
CA ASN B 126 20.62 29.34 -16.67
C ASN B 126 21.03 29.28 -15.20
N ALA B 127 20.52 28.28 -14.49
CA ALA B 127 20.83 28.12 -13.07
C ALA B 127 20.50 26.70 -12.59
N VAL B 128 20.96 26.36 -11.39
CA VAL B 128 20.65 25.06 -10.82
C VAL B 128 19.51 25.38 -9.88
N VAL B 129 18.37 24.72 -10.09
CA VAL B 129 17.20 24.95 -9.26
C VAL B 129 17.15 24.00 -8.07
N VAL B 130 16.83 24.56 -6.91
CA VAL B 130 16.69 23.76 -5.69
C VAL B 130 15.29 24.07 -5.20
N LYS B 131 14.40 23.09 -5.28
CA LYS B 131 13.03 23.26 -4.83
C LYS B 131 12.89 22.84 -3.38
N VAL B 132 12.19 23.63 -2.60
CA VAL B 132 11.99 23.30 -1.19
C VAL B 132 10.52 23.45 -0.83
N ASP B 133 10.13 22.84 0.27
CA ASP B 133 8.75 22.94 0.73
C ASP B 133 8.47 24.39 1.09
N ASP B 134 7.21 24.78 1.01
CA ASP B 134 6.81 26.14 1.36
C ASP B 134 7.40 26.48 2.73
N GLY B 135 8.03 27.64 2.83
CA GLY B 135 8.62 28.06 4.10
C GLY B 135 9.74 27.17 4.60
N ALA B 136 10.52 26.62 3.68
CA ALA B 136 11.63 25.74 4.03
C ALA B 136 12.86 26.23 3.29
N THR B 137 12.75 27.45 2.78
CA THR B 137 13.82 28.07 2.04
C THR B 137 15.13 28.01 2.81
N ASP B 138 15.05 28.14 4.13
CA ASP B 138 16.22 28.09 5.00
C ASP B 138 17.01 26.80 4.78
N ALA B 139 16.32 25.67 4.83
CA ALA B 139 16.95 24.37 4.63
C ALA B 139 17.60 24.35 3.25
N GLY B 140 16.97 25.03 2.29
CA GLY B 140 17.52 25.07 0.97
C GLY B 140 18.84 25.82 1.03
N VAL B 141 18.79 27.01 1.63
CA VAL B 141 19.96 27.86 1.79
C VAL B 141 21.11 27.09 2.43
N ASP B 142 20.81 26.38 3.52
CA ASP B 142 21.82 25.60 4.20
C ASP B 142 22.40 24.47 3.34
N PHE B 143 21.52 23.79 2.61
CA PHE B 143 21.92 22.69 1.73
C PHE B 143 22.98 23.19 0.75
N VAL B 144 22.69 24.30 0.09
CA VAL B 144 23.60 24.89 -0.90
C VAL B 144 24.95 25.25 -0.27
N ALA B 145 24.89 25.99 0.84
CA ALA B 145 26.07 26.44 1.56
C ALA B 145 26.92 25.28 2.07
N LEU B 146 26.28 24.27 2.64
CA LEU B 146 27.00 23.11 3.17
C LEU B 146 27.63 22.28 2.05
N SER B 147 27.20 22.51 0.82
CA SER B 147 27.74 21.75 -0.31
C SER B 147 28.87 22.53 -0.97
N GLY B 148 29.09 23.74 -0.47
CA GLY B 148 30.14 24.57 -1.02
C GLY B 148 29.92 24.86 -2.49
N ALA B 149 28.67 25.06 -2.87
CA ALA B 149 28.33 25.35 -4.26
C ALA B 149 28.13 26.85 -4.41
N ASP B 150 28.66 27.40 -5.51
CA ASP B 150 28.54 28.82 -5.78
C ASP B 150 27.07 29.20 -5.74
N SER B 151 26.65 29.86 -4.66
CA SER B 151 25.27 30.26 -4.50
C SER B 151 24.77 31.18 -5.61
N ALA B 152 25.69 31.63 -6.46
CA ALA B 152 25.35 32.51 -7.58
C ALA B 152 24.70 31.74 -8.73
N GLN B 153 25.08 30.47 -8.87
CA GLN B 153 24.54 29.62 -9.93
C GLN B 153 23.41 28.72 -9.41
N VAL B 154 22.85 29.05 -8.25
CA VAL B 154 21.79 28.24 -7.67
C VAL B 154 20.57 29.07 -7.29
N ARG B 155 19.41 28.69 -7.80
CA ARG B 155 18.16 29.39 -7.50
C ARG B 155 17.27 28.53 -6.61
N ILE B 156 16.91 29.04 -5.44
CA ILE B 156 16.06 28.28 -4.55
C ILE B 156 14.63 28.74 -4.79
N GLU B 157 13.74 27.77 -4.98
CA GLU B 157 12.35 28.10 -5.24
C GLU B 157 11.39 27.23 -4.44
N SER B 158 10.37 27.87 -3.92
CA SER B 158 9.34 27.22 -3.13
C SER B 158 8.52 26.31 -4.03
N SER B 159 8.03 25.23 -3.45
CA SER B 159 7.20 24.27 -4.19
C SER B 159 6.11 23.81 -3.24
N PRO B 160 4.84 23.88 -3.69
CA PRO B 160 3.74 23.45 -2.81
C PRO B 160 3.67 21.95 -2.60
N GLY B 161 2.97 21.53 -1.56
CA GLY B 161 2.81 20.12 -1.26
C GLY B 161 4.07 19.40 -0.81
N LYS B 162 4.03 18.08 -0.85
CA LYS B 162 5.17 17.26 -0.45
C LYS B 162 5.56 16.32 -1.59
N LEU B 163 6.85 16.25 -1.86
CA LEU B 163 7.35 15.38 -2.91
C LEU B 163 7.35 13.95 -2.42
N GLN B 164 6.66 13.06 -3.14
CA GLN B 164 6.61 11.67 -2.74
C GLN B 164 6.31 10.76 -3.90
N THR B 165 6.68 9.49 -3.75
CA THR B 165 6.41 8.51 -4.79
C THR B 165 4.89 8.39 -4.78
N THR B 166 4.32 7.99 -5.90
CA THR B 166 2.87 7.86 -6.00
C THR B 166 2.47 6.51 -6.54
N ALA C 1 -22.73 3.43 -2.82
CA ALA C 1 -22.52 1.97 -2.99
C ALA C 1 -23.14 1.19 -1.85
N ASN C 2 -23.09 -0.14 -1.95
CA ASN C 2 -23.63 -1.00 -0.91
C ASN C 2 -22.53 -1.39 0.06
N ILE C 3 -22.71 -1.00 1.33
CA ILE C 3 -21.73 -1.31 2.35
C ILE C 3 -22.00 -2.67 2.97
N VAL C 4 -21.16 -3.63 2.61
CA VAL C 4 -21.28 -5.01 3.05
C VAL C 4 -19.93 -5.48 3.59
N GLY C 5 -19.96 -6.25 4.68
CA GLY C 5 -18.73 -6.73 5.27
C GLY C 5 -17.99 -7.71 4.40
N GLY C 6 -16.67 -7.58 4.34
CA GLY C 6 -15.88 -8.49 3.53
C GLY C 6 -15.54 -8.01 2.14
N ILE C 7 -16.13 -6.90 1.70
CA ILE C 7 -15.87 -6.37 0.35
C ILE C 7 -14.62 -5.49 0.29
N GLU C 8 -13.98 -5.49 -0.87
CA GLU C 8 -12.78 -4.69 -1.08
C GLU C 8 -13.06 -3.20 -1.16
N TYR C 9 -12.09 -2.40 -0.72
CA TYR C 9 -12.16 -0.94 -0.78
C TYR C 9 -10.72 -0.44 -0.84
N SER C 10 -10.51 0.67 -1.52
CA SER C 10 -9.17 1.22 -1.63
C SER C 10 -9.01 2.43 -0.73
N ILE C 11 -7.79 2.65 -0.27
CA ILE C 11 -7.56 3.80 0.58
C ILE C 11 -6.47 4.68 -0.06
N ASN C 12 -6.87 5.92 -0.38
CA ASN C 12 -6.01 6.90 -1.03
C ASN C 12 -5.55 6.44 -2.41
N ASN C 13 -6.35 5.61 -3.07
CA ASN C 13 -6.04 5.09 -4.39
C ASN C 13 -4.72 4.32 -4.43
N ALA C 14 -4.16 4.02 -3.26
CA ALA C 14 -2.89 3.32 -3.19
C ALA C 14 -2.90 1.91 -2.64
N SER C 15 -3.66 1.66 -1.57
CA SER C 15 -3.70 0.34 -0.98
C SER C 15 -5.10 -0.24 -0.77
N LEU C 16 -5.14 -1.55 -0.55
CA LEU C 16 -6.39 -2.27 -0.37
C LEU C 16 -6.62 -2.88 1.02
N CYS C 17 -7.90 -3.03 1.36
CA CYS C 17 -8.31 -3.61 2.61
C CYS C 17 -9.75 -4.10 2.44
N SER C 18 -10.30 -4.66 3.51
CA SER C 18 -11.67 -5.18 3.51
C SER C 18 -12.54 -4.46 4.52
N VAL C 19 -13.79 -4.24 4.15
CA VAL C 19 -14.74 -3.57 5.03
C VAL C 19 -15.04 -4.49 6.21
N GLY C 20 -15.25 -3.89 7.39
CA GLY C 20 -15.55 -4.68 8.57
C GLY C 20 -17.05 -4.92 8.71
N PHE C 21 -17.75 -3.91 9.19
CA PHE C 21 -19.20 -4.00 9.40
C PHE C 21 -19.84 -2.63 9.24
N SER C 22 -21.06 -2.60 8.70
CA SER C 22 -21.80 -1.36 8.56
C SER C 22 -22.16 -0.90 9.98
N VAL C 23 -22.03 0.40 10.24
CA VAL C 23 -22.37 0.94 11.54
C VAL C 23 -22.94 2.33 11.34
N THR C 24 -23.42 2.93 12.41
CA THR C 24 -23.94 4.28 12.36
C THR C 24 -23.58 4.97 13.66
N ARG C 25 -23.45 6.27 13.59
CA ARG C 25 -23.16 7.12 14.74
C ARG C 25 -24.23 8.17 14.58
N GLY C 26 -25.23 8.14 15.44
CA GLY C 26 -26.32 9.09 15.30
C GLY C 26 -26.88 8.89 13.91
N ALA C 27 -26.86 9.94 13.10
CA ALA C 27 -27.36 9.85 11.74
C ALA C 27 -26.19 9.71 10.77
N THR C 28 -24.99 9.55 11.31
CA THR C 28 -23.81 9.39 10.46
C THR C 28 -23.60 7.94 10.07
N LYS C 29 -23.51 7.67 8.78
CA LYS C 29 -23.29 6.33 8.27
C LYS C 29 -21.79 6.06 8.23
N GLY C 30 -21.41 4.79 8.33
CA GLY C 30 -20.00 4.45 8.29
C GLY C 30 -19.76 2.97 8.38
N PHE C 31 -18.49 2.58 8.49
CA PHE C 31 -18.14 1.19 8.67
C PHE C 31 -16.84 1.07 9.46
N VAL C 32 -16.70 0.00 10.24
CA VAL C 32 -15.49 -0.20 11.01
C VAL C 32 -14.53 -1.02 10.17
N THR C 33 -13.25 -0.97 10.53
CA THR C 33 -12.22 -1.69 9.79
C THR C 33 -10.94 -1.59 10.62
N ALA C 34 -9.83 -2.08 10.07
CA ALA C 34 -8.54 -2.05 10.77
C ALA C 34 -7.88 -0.66 10.77
N GLY C 35 -7.24 -0.32 11.88
CA GLY C 35 -6.56 0.96 11.97
C GLY C 35 -5.36 1.07 11.02
N HIS C 36 -4.73 -0.04 10.71
CA HIS C 36 -3.57 0.03 9.83
C HIS C 36 -3.91 0.18 8.35
N CYS C 37 -5.19 0.20 8.01
CA CYS C 37 -5.59 0.34 6.61
C CYS C 37 -5.51 1.79 6.17
N GLY C 38 -5.65 2.71 7.11
CA GLY C 38 -5.58 4.11 6.76
C GLY C 38 -5.22 5.03 7.92
N THR C 39 -5.05 6.30 7.60
CA THR C 39 -4.71 7.34 8.57
C THR C 39 -5.91 8.28 8.56
N VAL C 40 -6.10 9.05 9.62
CA VAL C 40 -7.22 9.97 9.67
C VAL C 40 -7.26 10.84 8.41
N ASN C 41 -8.45 10.95 7.82
CA ASN C 41 -8.69 11.73 6.61
C ASN C 41 -8.39 11.03 5.29
N ALA C 42 -7.84 9.83 5.35
CA ALA C 42 -7.55 9.08 4.12
C ALA C 42 -8.85 8.91 3.36
N THR C 43 -8.79 8.70 2.04
CA THR C 43 -10.00 8.57 1.25
C THR C 43 -10.39 7.14 0.88
N ALA C 44 -11.62 6.78 1.22
CA ALA C 44 -12.12 5.44 0.95
C ALA C 44 -12.92 5.37 -0.34
N ARG C 45 -12.53 4.46 -1.21
CA ARG C 45 -13.22 4.29 -2.47
C ARG C 45 -13.66 2.85 -2.65
N ILE C 46 -14.88 2.66 -3.12
CA ILE C 46 -15.44 1.33 -3.36
C ILE C 46 -15.90 1.28 -4.82
N GLY C 47 -15.34 0.35 -5.59
CA GLY C 47 -15.72 0.24 -6.98
C GLY C 47 -15.43 1.51 -7.77
N GLY C 48 -14.40 2.23 -7.36
CA GLY C 48 -14.04 3.46 -8.05
C GLY C 48 -14.57 4.77 -7.51
N ALA C 49 -15.67 4.73 -6.75
CA ALA C 49 -16.24 5.95 -6.21
C ALA C 49 -15.89 6.23 -4.76
N VAL C 50 -15.83 7.52 -4.41
CA VAL C 50 -15.51 7.94 -3.06
C VAL C 50 -16.73 7.78 -2.17
N VAL C 51 -16.63 6.90 -1.18
CA VAL C 51 -17.74 6.66 -0.28
C VAL C 51 -17.60 7.36 1.07
N GLY C 52 -16.37 7.73 1.41
CA GLY C 52 -16.14 8.40 2.67
C GLY C 52 -14.67 8.54 3.02
N THR C 53 -14.40 8.97 4.25
CA THR C 53 -13.03 9.16 4.70
C THR C 53 -12.81 8.60 6.11
N PHE C 54 -11.58 8.20 6.40
CA PHE C 54 -11.27 7.67 7.72
C PHE C 54 -11.53 8.78 8.72
N ALA C 55 -12.38 8.51 9.71
CA ALA C 55 -12.73 9.51 10.72
C ALA C 55 -11.88 9.43 11.99
N ALA C 56 -11.42 8.24 12.32
CA ALA C 56 -10.59 8.05 13.51
C ALA C 56 -9.89 6.71 13.38
N ARG C 57 -8.80 6.54 14.11
CA ARG C 57 -8.08 5.29 14.03
C ARG C 57 -7.03 5.20 15.12
N VAL C 58 -6.56 3.97 15.36
CA VAL C 58 -5.52 3.69 16.33
C VAL C 58 -4.71 2.49 15.84
N PHE C 59 -3.40 2.70 15.71
CA PHE C 59 -2.48 1.66 15.27
C PHE C 59 -1.05 2.21 15.29
N PRO C 60 -0.11 1.51 15.95
CA PRO C 60 -0.28 0.24 16.66
C PRO C 60 -0.93 0.40 18.02
N GLY C 61 -0.68 -0.55 18.91
CA GLY C 61 -1.29 -0.52 20.23
C GLY C 61 -2.59 -1.29 20.11
N ASN C 62 -3.48 -0.74 19.29
CA ASN C 62 -4.77 -1.34 18.95
C ASN C 62 -4.65 -1.40 17.44
N ASP C 63 -5.72 -1.82 16.76
CA ASP C 63 -5.75 -1.85 15.30
C ASP C 63 -7.22 -1.70 14.93
N ARG C 64 -7.71 -0.48 15.08
CA ARG C 64 -9.10 -0.19 14.83
C ARG C 64 -9.27 1.14 14.13
N ALA C 65 -10.39 1.27 13.41
CA ALA C 65 -10.70 2.48 12.70
C ALA C 65 -12.15 2.45 12.22
N TRP C 66 -12.67 3.62 11.88
CA TRP C 66 -14.01 3.71 11.34
C TRP C 66 -14.02 4.81 10.28
N VAL C 67 -14.77 4.56 9.21
CA VAL C 67 -14.86 5.47 8.06
C VAL C 67 -16.24 6.10 7.89
N SER C 68 -16.33 7.41 8.14
CA SER C 68 -17.61 8.10 7.99
C SER C 68 -17.93 8.14 6.49
N LEU C 69 -19.11 7.62 6.12
CA LEU C 69 -19.53 7.57 4.73
C LEU C 69 -20.47 8.72 4.36
N THR C 70 -20.65 8.94 3.06
CA THR C 70 -21.54 10.00 2.59
C THR C 70 -22.97 9.49 2.73
N SER C 71 -23.91 10.41 2.92
CA SER C 71 -25.31 10.05 3.09
C SER C 71 -25.92 9.27 1.92
N ALA C 72 -25.15 9.01 0.87
CA ALA C 72 -25.67 8.28 -0.28
C ALA C 72 -25.34 6.79 -0.28
N GLN C 73 -24.50 6.36 0.66
CA GLN C 73 -24.12 4.96 0.74
C GLN C 73 -25.28 4.14 1.30
N THR C 74 -25.30 2.86 0.94
CA THR C 74 -26.35 1.95 1.40
C THR C 74 -25.80 0.98 2.44
N LEU C 75 -26.26 1.09 3.68
CA LEU C 75 -25.82 0.20 4.73
C LEU C 75 -26.68 -1.06 4.78
N LEU C 76 -26.03 -2.21 4.71
CA LEU C 76 -26.70 -3.51 4.78
C LEU C 76 -26.07 -4.31 5.91
N PRO C 77 -26.90 -4.93 6.77
CA PRO C 77 -26.37 -5.70 7.89
C PRO C 77 -25.96 -7.06 7.36
N ARG C 78 -25.01 -7.05 6.44
CA ARG C 78 -24.56 -8.29 5.84
C ARG C 78 -23.05 -8.40 5.77
N VAL C 79 -22.59 -9.63 5.55
CA VAL C 79 -21.19 -9.97 5.43
C VAL C 79 -21.16 -10.92 4.24
N ALA C 80 -20.30 -10.64 3.27
CA ALA C 80 -20.20 -11.46 2.07
C ALA C 80 -19.78 -12.90 2.31
N ASN C 81 -20.41 -13.80 1.55
CA ASN C 81 -20.12 -15.24 1.61
C ASN C 81 -20.32 -15.70 0.17
N GLY C 82 -19.28 -15.57 -0.65
CA GLY C 82 -19.39 -15.93 -2.05
C GLY C 82 -20.29 -14.91 -2.72
N SER C 83 -21.22 -15.39 -3.54
CA SER C 83 -22.16 -14.51 -4.22
C SER C 83 -23.32 -14.21 -3.28
N SER C 84 -23.40 -14.96 -2.19
CA SER C 84 -24.44 -14.80 -1.19
C SER C 84 -23.96 -13.96 0.00
N PHE C 85 -24.71 -14.03 1.10
CA PHE C 85 -24.40 -13.27 2.31
C PHE C 85 -24.70 -14.02 3.59
N VAL C 86 -24.36 -13.37 4.69
CA VAL C 86 -24.59 -13.89 6.05
C VAL C 86 -25.11 -12.67 6.78
N THR C 87 -26.23 -12.84 7.47
CA THR C 87 -26.84 -11.73 8.18
C THR C 87 -26.25 -11.45 9.54
N VAL C 88 -25.98 -10.16 9.80
CA VAL C 88 -25.41 -9.71 11.07
C VAL C 88 -26.55 -9.52 12.06
N ARG C 89 -26.57 -10.29 13.13
CA ARG C 89 -27.63 -10.21 14.12
C ARG C 89 -27.24 -9.60 15.46
N GLY C 90 -25.95 -9.57 15.76
CA GLY C 90 -25.51 -8.98 17.03
C GLY C 90 -24.00 -8.96 17.18
N SER C 91 -23.53 -8.60 18.36
CA SER C 91 -22.09 -8.55 18.61
C SER C 91 -21.70 -9.36 19.84
N THR C 92 -22.43 -10.42 20.11
CA THR C 92 -22.14 -11.27 21.27
C THR C 92 -20.82 -12.00 21.06
N GLU C 93 -19.86 -11.66 21.91
CA GLU C 93 -18.53 -12.26 21.82
C GLU C 93 -18.50 -13.74 22.18
N ALA C 94 -17.87 -14.51 21.31
CA ALA C 94 -17.77 -15.95 21.52
C ALA C 94 -16.54 -16.31 22.35
N ALA C 95 -16.62 -17.46 23.02
CA ALA C 95 -15.56 -17.97 23.86
C ALA C 95 -14.49 -18.74 23.08
N VAL C 96 -13.34 -18.94 23.73
CA VAL C 96 -12.26 -19.70 23.14
C VAL C 96 -12.76 -21.11 22.84
N GLY C 97 -12.46 -21.61 21.65
CA GLY C 97 -12.91 -22.94 21.28
C GLY C 97 -14.18 -22.89 20.44
N ALA C 98 -14.83 -21.72 20.37
CA ALA C 98 -16.05 -21.59 19.57
C ALA C 98 -15.72 -21.51 18.09
N ALA C 99 -16.67 -21.93 17.25
CA ALA C 99 -16.50 -21.89 15.81
C ALA C 99 -16.70 -20.45 15.32
N VAL C 100 -15.89 -20.03 14.37
CA VAL C 100 -15.98 -18.68 13.84
C VAL C 100 -15.52 -18.62 12.38
N CYS C 101 -16.08 -17.69 11.62
CA CYS C 101 -15.72 -17.57 10.22
C CYS C 101 -15.32 -16.15 9.86
N ARG C 102 -14.60 -16.02 8.76
CA ARG C 102 -14.18 -14.71 8.33
C ARG C 102 -14.36 -14.49 6.84
N SER C 103 -14.52 -13.22 6.48
CA SER C 103 -14.71 -12.82 5.09
C SER C 103 -13.73 -11.69 4.69
N GLY C 104 -13.10 -11.88 3.52
CA GLY C 104 -12.16 -10.91 3.00
C GLY C 104 -12.08 -10.97 1.48
N ARG C 105 -11.58 -9.91 0.85
CA ARG C 105 -11.50 -9.88 -0.61
C ARG C 105 -10.48 -10.83 -1.26
N THR C 106 -9.53 -11.34 -0.48
CA THR C 106 -8.53 -12.25 -1.03
C THR C 106 -8.85 -13.75 -0.91
N THR C 107 -9.09 -14.22 0.30
CA THR C 107 -9.37 -15.65 0.45
C THR C 107 -10.85 -15.98 0.61
N GLY C 108 -11.70 -14.96 0.53
CA GLY C 108 -13.14 -15.18 0.65
C GLY C 108 -13.57 -15.59 2.05
N TYR C 109 -14.64 -16.39 2.11
CA TYR C 109 -15.20 -16.88 3.36
C TYR C 109 -14.43 -18.13 3.83
N GLN C 110 -13.95 -18.11 5.07
CA GLN C 110 -13.19 -19.23 5.65
C GLN C 110 -13.64 -19.47 7.08
N CYS C 111 -13.45 -20.68 7.60
CA CYS C 111 -13.88 -20.95 8.97
C CYS C 111 -12.87 -21.69 9.84
N GLY C 112 -13.07 -21.61 11.16
CA GLY C 112 -12.20 -22.28 12.10
C GLY C 112 -12.69 -22.02 13.52
N THR C 113 -11.79 -22.12 14.50
CA THR C 113 -12.17 -21.86 15.88
C THR C 113 -11.30 -20.75 16.47
N ILE C 114 -11.74 -20.20 17.59
CA ILE C 114 -10.98 -19.16 18.29
C ILE C 114 -10.02 -19.93 19.19
N THR C 115 -8.72 -19.70 19.02
CA THR C 115 -7.72 -20.44 19.80
C THR C 115 -7.13 -19.68 20.97
N ALA C 116 -7.17 -18.36 20.95
CA ALA C 116 -6.62 -17.57 22.05
C ALA C 116 -7.13 -16.15 22.03
N LYS C 117 -7.14 -15.53 23.21
CA LYS C 117 -7.58 -14.14 23.37
C LYS C 117 -6.46 -13.34 24.03
N ASN C 118 -6.54 -12.01 23.90
CA ASN C 118 -5.56 -11.12 24.49
C ASN C 118 -4.12 -11.40 24.03
N VAL C 119 -3.98 -11.56 22.71
CA VAL C 119 -2.70 -11.84 22.08
C VAL C 119 -1.97 -10.55 21.73
N THR C 120 -0.68 -10.51 22.00
CA THR C 120 0.12 -9.33 21.67
C THR C 120 0.87 -9.66 20.40
N ALA C 121 0.65 -8.86 19.36
CA ALA C 121 1.30 -9.05 18.06
C ALA C 121 2.49 -8.13 17.85
N ASN C 122 3.63 -8.73 17.56
CA ASN C 122 4.87 -7.99 17.33
C ASN C 122 4.96 -7.63 15.85
N TYR C 123 4.11 -6.70 15.42
CA TYR C 123 4.11 -6.24 14.03
C TYR C 123 5.32 -5.34 13.82
N ALA C 124 5.79 -5.24 12.59
CA ALA C 124 6.94 -4.40 12.26
C ALA C 124 6.70 -2.95 12.64
N GLU C 125 5.50 -2.44 12.34
CA GLU C 125 5.15 -1.07 12.65
C GLU C 125 5.00 -0.85 14.15
N GLY C 126 5.01 -1.94 14.91
CA GLY C 126 4.85 -1.81 16.34
C GLY C 126 3.93 -2.87 16.94
N ALA C 127 4.02 -3.06 18.25
CA ALA C 127 3.20 -4.05 18.93
C ALA C 127 1.75 -3.63 19.03
N VAL C 128 0.87 -4.63 18.97
CA VAL C 128 -0.55 -4.42 19.07
C VAL C 128 -1.02 -5.46 20.08
N ARG C 129 -1.73 -5.03 21.10
CA ARG C 129 -2.17 -5.97 22.11
C ARG C 129 -3.68 -6.16 22.10
N GLY C 130 -4.14 -7.16 22.86
CA GLY C 130 -5.56 -7.42 22.98
C GLY C 130 -6.23 -8.07 21.79
N LEU C 131 -5.46 -8.74 20.94
CA LEU C 131 -6.04 -9.36 19.76
C LEU C 131 -6.50 -10.79 20.01
N THR C 132 -7.51 -11.21 19.26
CA THR C 132 -8.00 -12.57 19.38
C THR C 132 -7.41 -13.38 18.25
N GLN C 133 -7.07 -14.63 18.55
CA GLN C 133 -6.48 -15.51 17.56
C GLN C 133 -7.44 -16.64 17.16
N GLY C 134 -7.54 -16.89 15.84
CA GLY C 134 -8.38 -17.96 15.34
C GLY C 134 -7.54 -18.74 14.35
N ASN C 135 -8.00 -19.90 13.88
CA ASN C 135 -7.22 -20.66 12.92
C ASN C 135 -7.84 -20.75 11.53
N ALA C 136 -8.77 -19.85 11.23
CA ALA C 136 -9.33 -19.83 9.87
C ALA C 136 -8.19 -19.16 9.09
N CYS C 137 -7.91 -19.62 7.89
CA CYS C 137 -6.83 -19.01 7.12
C CYS C 137 -7.25 -17.66 6.56
N MET C 138 -6.27 -16.84 6.22
CA MET C 138 -6.49 -15.52 5.66
C MET C 138 -5.25 -15.12 4.86
N GLY C 139 -5.32 -13.97 4.19
CA GLY C 139 -4.21 -13.52 3.40
C GLY C 139 -4.22 -12.02 3.24
N ARG C 140 -3.14 -11.48 2.68
CA ARG C 140 -3.02 -10.04 2.48
C ARG C 140 -4.21 -9.56 1.68
N GLY C 141 -4.83 -8.49 2.17
CA GLY C 141 -6.01 -7.96 1.51
C GLY C 141 -7.25 -8.22 2.35
N ASP C 142 -7.25 -9.33 3.10
CA ASP C 142 -8.39 -9.68 3.96
C ASP C 142 -8.45 -8.78 5.20
N SER C 143 -7.37 -8.05 5.46
CA SER C 143 -7.33 -7.16 6.62
C SER C 143 -8.51 -6.19 6.68
N GLY C 144 -9.00 -5.99 7.89
CA GLY C 144 -10.14 -5.12 8.11
C GLY C 144 -11.43 -5.89 7.91
N GLY C 145 -11.33 -7.04 7.23
CA GLY C 145 -12.48 -7.89 6.94
C GLY C 145 -13.20 -8.44 8.16
N SER C 146 -14.43 -8.92 7.92
CA SER C 146 -15.29 -9.42 8.99
C SER C 146 -14.99 -10.80 9.56
N TRP C 147 -15.13 -10.90 10.87
CA TRP C 147 -15.00 -12.16 11.59
C TRP C 147 -16.36 -12.25 12.25
N ILE C 148 -17.09 -13.32 11.94
CA ILE C 148 -18.44 -13.51 12.45
C ILE C 148 -18.75 -15.00 12.65
N THR C 149 -19.61 -15.31 13.62
CA THR C 149 -20.01 -16.71 13.85
C THR C 149 -21.04 -17.06 12.80
N SER C 150 -21.19 -18.36 12.52
CA SER C 150 -22.16 -18.82 11.54
C SER C 150 -23.57 -18.39 11.90
N ALA C 151 -23.82 -18.15 13.18
CA ALA C 151 -25.15 -17.73 13.63
C ALA C 151 -25.35 -16.22 13.54
N GLY C 152 -24.42 -15.53 12.87
CA GLY C 152 -24.56 -14.08 12.71
C GLY C 152 -24.04 -13.13 13.77
N GLN C 153 -23.25 -13.60 14.74
CA GLN C 153 -22.73 -12.70 15.77
C GLN C 153 -21.34 -12.17 15.38
N ALA C 154 -21.29 -10.86 15.09
CA ALA C 154 -20.06 -10.18 14.70
C ALA C 154 -19.03 -10.25 15.81
N GLN C 155 -17.82 -10.71 15.48
CA GLN C 155 -16.74 -10.87 16.45
C GLN C 155 -15.67 -9.76 16.42
N GLY C 156 -15.26 -9.35 15.22
CA GLY C 156 -14.25 -8.32 15.11
C GLY C 156 -13.75 -8.12 13.68
N VAL C 157 -12.65 -7.37 13.54
CA VAL C 157 -12.10 -7.08 12.22
C VAL C 157 -10.68 -7.59 12.09
N ALA C 158 -10.35 -8.11 10.91
CA ALA C 158 -9.03 -8.67 10.64
C ALA C 158 -7.86 -7.69 10.76
N SER C 159 -6.87 -8.07 11.56
CA SER C 159 -5.68 -7.25 11.76
C SER C 159 -4.51 -7.82 10.96
N GLY C 160 -4.13 -9.06 11.26
CA GLY C 160 -3.04 -9.68 10.54
C GLY C 160 -2.87 -11.15 10.87
N GLY C 161 -1.79 -11.74 10.38
CA GLY C 161 -1.53 -13.15 10.62
C GLY C 161 -0.19 -13.61 10.06
N ASN C 162 0.11 -14.89 10.22
CA ASN C 162 1.36 -15.44 9.73
C ASN C 162 1.27 -15.91 8.28
N VAL C 163 1.31 -14.97 7.35
CA VAL C 163 1.20 -15.28 5.93
C VAL C 163 2.46 -15.94 5.40
N GLN C 164 2.33 -16.64 4.27
CA GLN C 164 3.47 -17.31 3.66
C GLN C 164 3.89 -16.61 2.37
N SER C 165 4.80 -17.21 1.62
CA SER C 165 5.27 -16.63 0.37
C SER C 165 4.11 -16.32 -0.57
N ASN C 166 3.10 -17.18 -0.55
CA ASN C 166 1.91 -17.04 -1.39
C ASN C 166 0.95 -15.92 -0.97
N GLY C 167 1.22 -15.28 0.16
CA GLY C 167 0.35 -14.20 0.61
C GLY C 167 -0.77 -14.55 1.60
N ASN C 168 -0.91 -15.82 1.93
CA ASN C 168 -1.94 -16.27 2.86
C ASN C 168 -1.37 -17.40 3.69
N ASN C 169 -2.14 -17.86 4.67
CA ASN C 169 -1.70 -18.98 5.50
C ASN C 169 -2.67 -20.14 5.36
N CYS C 170 -3.34 -20.20 4.21
CA CYS C 170 -4.28 -21.27 3.91
C CYS C 170 -3.47 -22.50 3.52
N GLY C 171 -2.24 -22.27 3.09
CA GLY C 171 -1.38 -23.35 2.67
C GLY C 171 -0.89 -24.26 3.79
N ILE C 172 -0.95 -23.78 5.03
CA ILE C 172 -0.49 -24.60 6.14
C ILE C 172 -1.66 -25.16 6.96
N PRO C 173 -1.39 -26.18 7.79
CA PRO C 173 -2.43 -26.80 8.62
C PRO C 173 -2.99 -25.89 9.69
N ALA C 174 -4.31 -25.92 9.84
CA ALA C 174 -5.02 -25.11 10.80
C ALA C 174 -4.32 -25.05 12.15
N SER C 175 -3.73 -26.17 12.55
CA SER C 175 -3.04 -26.24 13.83
C SER C 175 -1.84 -25.30 13.95
N GLN C 176 -1.40 -24.72 12.83
CA GLN C 176 -0.25 -23.82 12.83
C GLN C 176 -0.59 -22.41 12.37
N ARG C 177 -1.87 -22.15 12.13
CA ARG C 177 -2.26 -20.83 11.69
C ARG C 177 -2.42 -19.88 12.86
N SER C 178 -2.11 -18.62 12.59
CA SER C 178 -2.23 -17.57 13.56
C SER C 178 -2.90 -16.43 12.80
N SER C 179 -4.21 -16.34 12.94
CA SER C 179 -5.00 -15.30 12.29
C SER C 179 -5.59 -14.47 13.41
N LEU C 180 -5.27 -13.19 13.40
CA LEU C 180 -5.67 -12.28 14.45
C LEU C 180 -6.68 -11.24 14.07
N PHE C 181 -7.61 -10.99 14.98
CA PHE C 181 -8.58 -9.95 14.73
C PHE C 181 -8.75 -9.07 15.95
N GLU C 182 -9.15 -7.84 15.69
CA GLU C 182 -9.36 -6.86 16.74
C GLU C 182 -10.84 -7.04 17.16
N ARG C 183 -11.09 -7.13 18.45
CA ARG C 183 -12.44 -7.32 18.96
C ARG C 183 -13.37 -6.17 18.58
N LEU C 184 -14.61 -6.50 18.22
CA LEU C 184 -15.56 -5.48 17.79
C LEU C 184 -16.14 -4.61 18.91
N GLN C 185 -16.50 -5.20 20.05
CA GLN C 185 -17.09 -4.44 21.16
C GLN C 185 -16.32 -3.16 21.53
N PRO C 186 -15.00 -3.26 21.73
CA PRO C 186 -14.18 -2.09 22.09
C PRO C 186 -14.22 -0.98 21.04
N ILE C 187 -14.24 -1.35 19.76
CA ILE C 187 -14.30 -0.33 18.72
C ILE C 187 -15.63 0.40 18.82
N LEU C 188 -16.72 -0.36 18.78
CA LEU C 188 -18.06 0.22 18.85
C LEU C 188 -18.19 1.16 20.05
N SER C 189 -17.68 0.70 21.18
CA SER C 189 -17.75 1.46 22.42
C SER C 189 -16.92 2.74 22.43
N GLN C 190 -15.67 2.65 21.97
CA GLN C 190 -14.79 3.82 21.96
C GLN C 190 -15.34 4.97 21.10
N TYR C 191 -15.93 4.66 19.97
CA TYR C 191 -16.44 5.71 19.10
C TYR C 191 -17.94 5.93 19.13
N GLY C 192 -18.63 5.27 20.05
CA GLY C 192 -20.07 5.44 20.16
C GLY C 192 -20.85 5.00 18.94
N LEU C 193 -20.41 3.92 18.30
CA LEU C 193 -21.08 3.40 17.10
C LEU C 193 -22.11 2.33 17.44
N SER C 194 -23.03 2.09 16.51
CA SER C 194 -24.06 1.09 16.66
C SER C 194 -24.00 0.12 15.47
N LEU C 195 -23.88 -1.17 15.76
CA LEU C 195 -23.83 -2.17 14.70
C LEU C 195 -25.18 -2.19 13.93
N VAL C 196 -25.12 -2.31 12.61
CA VAL C 196 -26.32 -2.37 11.79
C VAL C 196 -26.70 -3.86 11.73
N THR C 197 -27.78 -4.22 12.39
CA THR C 197 -28.19 -5.61 12.42
C THR C 197 -29.46 -5.84 11.62
N GLY C 198 -29.70 -7.10 11.28
CA GLY C 198 -30.88 -7.45 10.51
C GLY C 198 -31.74 -8.48 11.23
N ASP D 5 -32.67 -21.71 10.26
CA ASP D 5 -32.11 -22.91 10.95
C ASP D 5 -31.60 -23.95 9.96
N PRO D 6 -32.38 -24.26 8.91
CA PRO D 6 -31.94 -25.26 7.92
C PRO D 6 -30.65 -24.90 7.18
N GLN D 7 -30.54 -23.66 6.72
CA GLN D 7 -29.35 -23.21 6.00
C GLN D 7 -28.17 -23.16 6.95
N LEU D 8 -28.46 -22.98 8.24
CA LEU D 8 -27.44 -22.95 9.29
C LEU D 8 -26.92 -24.39 9.45
N LYS D 9 -27.85 -25.34 9.42
CA LYS D 9 -27.51 -26.76 9.53
C LYS D 9 -26.50 -27.13 8.45
N PHE D 10 -26.80 -26.76 7.21
CA PHE D 10 -25.92 -27.05 6.08
C PHE D 10 -24.59 -26.30 6.22
N ALA D 11 -24.67 -25.04 6.65
CA ALA D 11 -23.47 -24.24 6.81
C ALA D 11 -22.49 -24.91 7.77
N MET D 12 -22.96 -25.22 8.97
CA MET D 12 -22.12 -25.84 9.99
C MET D 12 -21.55 -27.20 9.60
N GLN D 13 -22.38 -28.08 9.03
CA GLN D 13 -21.92 -29.39 8.60
C GLN D 13 -20.81 -29.22 7.58
N ARG D 14 -21.11 -28.46 6.53
CA ARG D 14 -20.19 -28.19 5.45
C ARG D 14 -18.95 -27.46 5.92
N ASP D 15 -19.16 -26.43 6.74
CA ASP D 15 -18.07 -25.61 7.22
C ASP D 15 -17.18 -26.14 8.35
N LEU D 16 -17.77 -26.61 9.44
CA LEU D 16 -16.95 -27.07 10.56
C LEU D 16 -16.91 -28.56 10.88
N GLY D 17 -17.60 -29.37 10.08
CA GLY D 17 -17.59 -30.80 10.37
C GLY D 17 -18.50 -31.04 11.56
N ILE D 18 -19.44 -30.12 11.76
CA ILE D 18 -20.40 -30.22 12.83
C ILE D 18 -21.72 -30.67 12.21
N PHE D 19 -22.04 -31.94 12.38
CA PHE D 19 -23.26 -32.49 11.80
C PHE D 19 -24.54 -32.14 12.55
N PRO D 20 -25.70 -32.22 11.85
CA PRO D 20 -27.01 -31.90 12.42
C PRO D 20 -27.27 -32.54 13.78
N THR D 21 -26.90 -33.80 13.91
CA THR D 21 -27.10 -34.51 15.17
C THR D 21 -26.18 -33.98 16.27
N GLN D 22 -25.18 -33.21 15.88
CA GLN D 22 -24.22 -32.63 16.84
C GLN D 22 -24.48 -31.15 17.10
N LEU D 23 -25.09 -30.48 16.12
CA LEU D 23 -25.36 -29.05 16.21
C LEU D 23 -26.04 -28.51 17.47
N PRO D 24 -27.20 -29.07 17.83
CA PRO D 24 -27.88 -28.56 19.04
C PRO D 24 -26.99 -28.57 20.27
N GLN D 25 -26.24 -29.65 20.43
CA GLN D 25 -25.36 -29.78 21.59
C GLN D 25 -24.22 -28.76 21.52
N TYR D 26 -23.77 -28.45 20.31
CA TYR D 26 -22.71 -27.48 20.14
C TYR D 26 -23.23 -26.10 20.56
N LEU D 27 -24.40 -25.74 20.05
CA LEU D 27 -25.00 -24.45 20.36
C LEU D 27 -25.16 -24.26 21.88
N GLN D 28 -25.57 -25.33 22.55
CA GLN D 28 -25.75 -25.30 23.99
C GLN D 28 -24.44 -25.04 24.72
N THR D 29 -23.38 -25.73 24.30
CA THR D 29 -22.07 -25.56 24.93
C THR D 29 -21.55 -24.15 24.70
N GLU D 30 -21.71 -23.64 23.49
CA GLU D 30 -21.27 -22.31 23.12
C GLU D 30 -21.93 -21.25 24.01
N LYS D 31 -23.24 -21.39 24.18
CA LYS D 31 -24.02 -20.47 25.00
C LYS D 31 -23.58 -20.59 26.46
N LEU D 32 -23.45 -21.82 26.95
CA LEU D 32 -23.05 -22.05 28.34
C LEU D 32 -21.64 -21.52 28.63
N ALA D 33 -20.74 -21.63 27.65
CA ALA D 33 -19.36 -21.16 27.83
C ALA D 33 -19.29 -19.66 28.12
N ARG D 34 -20.21 -18.88 27.56
CA ARG D 34 -20.16 -17.45 27.83
C ARG D 34 -21.04 -16.99 28.99
N THR D 35 -22.18 -17.66 29.21
CA THR D 35 -23.06 -17.26 30.30
C THR D 35 -22.58 -17.69 31.68
N GLN D 36 -21.71 -18.68 31.74
CA GLN D 36 -21.22 -19.16 33.03
C GLN D 36 -19.74 -18.94 33.29
N ALA D 37 -19.05 -18.36 32.30
CA ALA D 37 -17.64 -18.11 32.43
C ALA D 37 -17.32 -17.35 33.73
N ALA D 38 -18.05 -16.28 34.00
CA ALA D 38 -17.83 -15.48 35.20
C ALA D 38 -18.15 -16.29 36.45
N ALA D 39 -19.22 -17.05 36.41
CA ALA D 39 -19.61 -17.87 37.56
C ALA D 39 -18.51 -18.87 37.89
N ILE D 40 -17.93 -19.48 36.87
CA ILE D 40 -16.87 -20.46 37.05
C ILE D 40 -15.61 -19.81 37.62
N GLU D 41 -15.34 -18.59 37.19
CA GLU D 41 -14.18 -17.90 37.68
C GLU D 41 -14.38 -17.60 39.16
N ARG D 42 -15.55 -17.08 39.49
CA ARG D 42 -15.87 -16.74 40.87
C ARG D 42 -15.70 -17.95 41.77
N GLU D 43 -16.24 -19.09 41.36
CA GLU D 43 -16.16 -20.31 42.16
C GLU D 43 -14.75 -20.78 42.47
N PHE D 44 -13.89 -20.79 41.46
CA PHE D 44 -12.52 -21.26 41.66
C PHE D 44 -11.58 -20.22 42.27
N GLY D 45 -12.08 -19.02 42.49
CA GLY D 45 -11.27 -17.97 43.09
C GLY D 45 -9.88 -17.78 42.51
N ALA D 46 -8.92 -17.47 43.38
CA ALA D 46 -7.53 -17.23 43.00
C ALA D 46 -6.84 -18.39 42.29
N GLN D 47 -7.40 -19.58 42.41
CA GLN D 47 -6.78 -20.73 41.77
C GLN D 47 -7.41 -20.98 40.38
N PHE D 48 -8.31 -20.10 39.94
CA PHE D 48 -8.95 -20.24 38.62
C PHE D 48 -7.86 -20.22 37.56
N ALA D 49 -7.92 -21.16 36.63
CA ALA D 49 -6.91 -21.25 35.58
C ALA D 49 -7.47 -21.18 34.15
N GLY D 50 -8.65 -20.60 34.00
CA GLY D 50 -9.24 -20.46 32.68
C GLY D 50 -10.31 -21.46 32.27
N SER D 51 -11.08 -21.10 31.26
CA SER D 51 -12.13 -21.96 30.76
C SER D 51 -12.23 -21.81 29.24
N TRP D 52 -12.57 -22.90 28.56
CA TRP D 52 -12.68 -22.88 27.12
C TRP D 52 -13.54 -24.04 26.64
N ILE D 53 -13.91 -24.00 25.36
CA ILE D 53 -14.70 -25.07 24.78
C ILE D 53 -13.75 -26.08 24.15
N GLU D 54 -14.05 -27.35 24.30
CA GLU D 54 -13.23 -28.40 23.72
C GLU D 54 -14.12 -29.39 22.97
N ARG D 55 -13.60 -29.97 21.92
CA ARG D 55 -14.36 -30.94 21.16
C ARG D 55 -13.77 -32.33 21.34
N ASN D 56 -14.51 -33.22 22.00
CA ASN D 56 -14.07 -34.60 22.21
C ASN D 56 -13.75 -35.24 20.86
N GLU D 57 -13.11 -36.41 20.88
CA GLU D 57 -12.79 -37.06 19.61
C GLU D 57 -14.03 -37.72 19.04
N ASP D 58 -15.04 -37.89 19.90
CA ASP D 58 -16.31 -38.47 19.51
C ASP D 58 -17.22 -37.43 18.84
N GLY D 59 -16.66 -36.25 18.58
CA GLY D 59 -17.40 -35.19 17.93
C GLY D 59 -18.28 -34.29 18.79
N SER D 60 -18.43 -34.61 20.07
CA SER D 60 -19.26 -33.80 20.95
C SER D 60 -18.44 -32.67 21.58
N PHE D 61 -19.12 -31.67 22.14
CA PHE D 61 -18.42 -30.54 22.75
C PHE D 61 -18.64 -30.47 24.23
N LYS D 62 -17.67 -29.89 24.93
CA LYS D 62 -17.74 -29.75 26.38
C LYS D 62 -17.04 -28.48 26.88
N LEU D 63 -17.53 -27.96 27.99
CA LEU D 63 -16.98 -26.77 28.62
C LEU D 63 -15.94 -27.25 29.63
N VAL D 64 -14.71 -26.76 29.50
CA VAL D 64 -13.64 -27.15 30.41
C VAL D 64 -13.17 -25.97 31.24
N ALA D 65 -12.89 -26.23 32.52
CA ALA D 65 -12.40 -25.21 33.42
C ALA D 65 -11.17 -25.79 34.10
N ALA D 66 -10.13 -24.98 34.27
CA ALA D 66 -8.90 -25.45 34.92
C ALA D 66 -8.71 -24.81 36.29
N THR D 67 -8.15 -25.58 37.21
CA THR D 67 -7.88 -25.09 38.57
C THR D 67 -6.49 -25.50 38.99
N SER D 68 -5.78 -24.59 39.66
CA SER D 68 -4.44 -24.86 40.17
C SER D 68 -4.64 -25.39 41.59
N GLY D 69 -5.89 -25.43 42.03
CA GLY D 69 -6.21 -25.90 43.36
C GLY D 69 -6.50 -27.39 43.42
N ALA D 70 -7.20 -27.83 44.46
CA ALA D 70 -7.52 -29.24 44.63
C ALA D 70 -8.91 -29.60 44.11
N ARG D 71 -9.83 -28.63 44.16
CA ARG D 71 -11.20 -28.83 43.70
C ARG D 71 -11.22 -29.73 42.46
N LYS D 72 -12.08 -30.75 42.48
CA LYS D 72 -12.19 -31.68 41.36
C LYS D 72 -13.52 -31.53 40.64
N SER D 73 -14.39 -30.66 41.15
CA SER D 73 -15.68 -30.45 40.53
C SER D 73 -16.26 -29.05 40.76
N SER D 74 -17.27 -28.71 39.99
CA SER D 74 -17.92 -27.41 40.09
C SER D 74 -19.41 -27.56 40.42
N THR D 75 -19.94 -26.60 41.18
CA THR D 75 -21.35 -26.62 41.55
C THR D 75 -22.22 -26.32 40.34
N LEU D 76 -21.57 -25.98 39.24
CA LEU D 76 -22.28 -25.70 38.00
C LEU D 76 -22.47 -27.04 37.31
N GLY D 77 -23.35 -27.08 36.30
CA GLY D 77 -23.62 -28.32 35.59
C GLY D 77 -22.42 -29.04 35.02
N GLY D 78 -22.58 -29.62 33.83
CA GLY D 78 -21.50 -30.35 33.20
C GLY D 78 -20.27 -29.53 32.82
N VAL D 79 -19.36 -29.35 33.77
CA VAL D 79 -18.14 -28.59 33.54
C VAL D 79 -16.94 -29.47 33.88
N GLU D 80 -16.26 -29.98 32.87
CA GLU D 80 -15.10 -30.84 33.12
C GLU D 80 -13.98 -30.02 33.74
N VAL D 81 -13.67 -30.30 35.01
CA VAL D 81 -12.60 -29.59 35.69
C VAL D 81 -11.26 -30.26 35.43
N ARG D 82 -10.21 -29.44 35.36
CA ARG D 82 -8.86 -29.92 35.10
C ARG D 82 -7.90 -29.25 36.07
N ASN D 83 -7.07 -30.04 36.74
CA ASN D 83 -6.11 -29.51 37.70
C ASN D 83 -4.80 -29.20 36.98
N VAL D 84 -4.24 -28.03 37.24
CA VAL D 84 -3.01 -27.63 36.59
C VAL D 84 -2.04 -26.95 37.55
N ARG D 85 -0.79 -26.86 37.11
CA ARG D 85 0.29 -26.25 37.89
C ARG D 85 0.04 -24.78 38.27
N TYR D 86 0.18 -23.90 37.29
CA TYR D 86 0.01 -22.47 37.50
C TYR D 86 -1.43 -21.95 37.37
N SER D 87 -1.69 -20.81 37.99
CA SER D 87 -3.02 -20.19 37.94
C SER D 87 -2.99 -19.04 36.91
N LEU D 88 -4.18 -18.56 36.55
CA LEU D 88 -4.32 -17.48 35.56
C LEU D 88 -3.57 -16.22 35.99
N LYS D 89 -3.78 -15.78 37.22
CA LYS D 89 -3.09 -14.58 37.72
C LYS D 89 -1.59 -14.79 37.58
N GLN D 90 -1.13 -16.00 37.84
CA GLN D 90 0.27 -16.35 37.74
C GLN D 90 0.80 -16.17 36.32
N LEU D 91 0.07 -16.76 35.36
CA LEU D 91 0.46 -16.68 33.95
C LEU D 91 0.24 -15.26 33.42
N GLN D 92 -0.76 -14.58 33.97
CA GLN D 92 -1.06 -13.23 33.56
C GLN D 92 0.11 -12.32 33.91
N SER D 93 0.67 -12.52 35.09
CA SER D 93 1.80 -11.71 35.54
C SER D 93 3.02 -11.93 34.64
N ALA D 94 3.26 -13.18 34.25
CA ALA D 94 4.38 -13.51 33.37
C ALA D 94 4.19 -12.84 32.02
N MET D 95 2.95 -12.81 31.56
CA MET D 95 2.59 -12.21 30.28
C MET D 95 2.87 -10.70 30.29
N GLU D 96 2.59 -10.06 31.42
CA GLU D 96 2.84 -8.62 31.57
C GLU D 96 4.34 -8.32 31.51
N GLN D 97 5.13 -9.25 32.02
CA GLN D 97 6.59 -9.11 32.01
C GLN D 97 7.08 -9.16 30.57
N LEU D 98 6.36 -9.87 29.72
CA LEU D 98 6.75 -9.98 28.32
C LEU D 98 6.27 -8.74 27.57
N ASP D 99 5.14 -8.18 28.01
CA ASP D 99 4.60 -6.99 27.39
C ASP D 99 5.54 -5.83 27.72
N ALA D 100 5.98 -5.78 28.98
CA ALA D 100 6.90 -4.73 29.42
C ALA D 100 8.23 -4.88 28.68
N GLY D 101 8.81 -6.06 28.73
CA GLY D 101 10.07 -6.29 28.04
C GLY D 101 10.01 -5.94 26.57
N ALA D 102 8.80 -5.85 26.02
CA ALA D 102 8.63 -5.51 24.62
C ALA D 102 8.58 -3.99 24.48
N ASN D 103 7.79 -3.35 25.34
CA ASN D 103 7.66 -1.90 25.33
C ASN D 103 8.98 -1.24 25.70
N ALA D 104 10.02 -2.07 25.83
CA ALA D 104 11.35 -1.58 26.17
C ALA D 104 12.28 -1.72 24.96
N ARG D 105 12.91 -2.89 24.84
CA ARG D 105 13.83 -3.15 23.73
C ARG D 105 13.18 -2.80 22.39
N LEU D 113 13.82 -6.84 18.37
CA LEU D 113 13.03 -8.02 18.84
C LEU D 113 12.53 -8.85 17.66
N ASP D 114 13.31 -8.91 16.59
CA ASP D 114 12.92 -9.68 15.42
C ASP D 114 12.96 -11.17 15.70
N GLY D 115 12.19 -11.93 14.92
CA GLY D 115 12.13 -13.37 15.12
C GLY D 115 10.93 -13.78 15.95
N VAL D 116 10.49 -12.87 16.82
CA VAL D 116 9.33 -13.16 17.67
C VAL D 116 8.03 -12.69 17.02
N GLN D 117 7.11 -13.63 16.82
CA GLN D 117 5.82 -13.33 16.21
C GLN D 117 4.82 -12.75 17.21
N SER D 118 4.57 -13.46 18.29
CA SER D 118 3.61 -12.99 19.29
C SER D 118 3.64 -13.81 20.55
N TRP D 119 2.82 -13.40 21.52
CA TRP D 119 2.72 -14.14 22.76
C TRP D 119 1.38 -13.93 23.46
N TYR D 120 0.96 -14.92 24.23
CA TYR D 120 -0.31 -14.85 24.93
C TYR D 120 -0.45 -15.96 25.96
N VAL D 121 -1.36 -15.73 26.90
CA VAL D 121 -1.66 -16.70 27.96
C VAL D 121 -2.52 -17.74 27.24
N ASP D 122 -2.14 -19.01 27.37
CA ASP D 122 -2.86 -20.10 26.73
C ASP D 122 -3.32 -21.07 27.81
N PRO D 123 -4.50 -20.80 28.40
CA PRO D 123 -5.00 -21.69 29.45
C PRO D 123 -5.00 -23.15 29.06
N ARG D 124 -5.40 -23.42 27.83
CA ARG D 124 -5.48 -24.79 27.32
C ARG D 124 -4.19 -25.59 27.56
N SER D 125 -3.05 -24.92 27.61
CA SER D 125 -1.80 -25.62 27.83
C SER D 125 -1.13 -25.14 29.12
N ASN D 126 -1.88 -24.38 29.91
CA ASN D 126 -1.41 -23.86 31.19
C ASN D 126 -0.02 -23.22 31.10
N ALA D 127 0.13 -22.27 30.18
CA ALA D 127 1.41 -21.60 30.00
C ALA D 127 1.25 -20.38 29.10
N VAL D 128 2.30 -19.57 29.03
CA VAL D 128 2.27 -18.42 28.16
C VAL D 128 3.03 -18.88 26.92
N VAL D 129 2.42 -18.69 25.76
CA VAL D 129 3.03 -19.11 24.53
C VAL D 129 3.73 -17.97 23.80
N VAL D 130 4.96 -18.23 23.38
CA VAL D 130 5.68 -17.24 22.62
C VAL D 130 5.88 -17.91 21.27
N LYS D 131 5.41 -17.26 20.22
CA LYS D 131 5.53 -17.81 18.88
C LYS D 131 6.68 -17.13 18.17
N VAL D 132 7.51 -17.93 17.52
CA VAL D 132 8.66 -17.40 16.81
C VAL D 132 8.75 -18.01 15.43
N ASP D 133 9.32 -17.26 14.49
CA ASP D 133 9.48 -17.77 13.14
C ASP D 133 10.32 -19.03 13.23
N ASP D 134 10.13 -19.94 12.29
CA ASP D 134 10.87 -21.19 12.28
C ASP D 134 12.37 -20.91 12.23
N GLY D 135 13.09 -21.47 13.20
CA GLY D 135 14.53 -21.28 13.25
C GLY D 135 14.96 -20.11 14.11
N ALA D 136 14.00 -19.43 14.73
CA ALA D 136 14.30 -18.28 15.59
C ALA D 136 13.98 -18.63 17.03
N THR D 137 13.89 -19.92 17.31
CA THR D 137 13.59 -20.40 18.66
C THR D 137 14.56 -19.80 19.68
N ASP D 138 15.76 -19.46 19.22
CA ASP D 138 16.78 -18.88 20.09
C ASP D 138 16.40 -17.47 20.54
N ALA D 139 15.82 -16.69 19.63
CA ALA D 139 15.39 -15.33 19.94
C ALA D 139 14.29 -15.33 21.00
N GLY D 140 13.51 -16.41 21.02
CA GLY D 140 12.45 -16.51 22.00
C GLY D 140 13.04 -16.64 23.39
N VAL D 141 14.10 -17.42 23.50
CA VAL D 141 14.79 -17.62 24.78
C VAL D 141 15.30 -16.30 25.32
N ASP D 142 15.97 -15.55 24.46
CA ASP D 142 16.52 -14.25 24.83
C ASP D 142 15.42 -13.27 25.24
N PHE D 143 14.34 -13.24 24.47
CA PHE D 143 13.23 -12.34 24.76
C PHE D 143 12.69 -12.66 26.16
N VAL D 144 12.58 -13.95 26.46
CA VAL D 144 12.08 -14.39 27.76
C VAL D 144 13.12 -14.04 28.84
N ALA D 145 14.39 -14.27 28.51
CA ALA D 145 15.48 -13.98 29.44
C ALA D 145 15.40 -12.51 29.84
N LEU D 146 15.43 -11.64 28.84
CA LEU D 146 15.35 -10.20 29.08
C LEU D 146 14.09 -9.85 29.86
N SER D 147 12.93 -10.29 29.37
CA SER D 147 11.67 -9.99 30.02
C SER D 147 11.68 -10.31 31.52
N GLY D 148 12.46 -11.31 31.91
CA GLY D 148 12.55 -11.67 33.32
C GLY D 148 11.46 -12.63 33.78
N ALA D 149 10.83 -13.29 32.81
CA ALA D 149 9.76 -14.25 33.08
C ALA D 149 10.29 -15.66 33.33
N ASP D 150 9.65 -16.38 34.26
CA ASP D 150 10.04 -17.74 34.57
C ASP D 150 9.84 -18.67 33.37
N SER D 151 10.93 -19.17 32.82
CA SER D 151 10.86 -20.06 31.66
C SER D 151 10.02 -21.30 31.92
N ALA D 152 9.68 -21.53 33.18
CA ALA D 152 8.89 -22.67 33.58
C ALA D 152 7.41 -22.52 33.22
N GLN D 153 6.94 -21.29 33.07
CA GLN D 153 5.55 -21.06 32.72
C GLN D 153 5.41 -20.46 31.34
N VAL D 154 6.44 -20.61 30.52
CA VAL D 154 6.44 -20.09 29.17
C VAL D 154 6.78 -21.20 28.18
N ARG D 155 6.10 -21.18 27.04
CA ARG D 155 6.31 -22.19 26.02
C ARG D 155 6.60 -21.53 24.68
N ILE D 156 7.77 -21.85 24.13
CA ILE D 156 8.17 -21.31 22.84
C ILE D 156 7.73 -22.28 21.77
N GLU D 157 6.96 -21.78 20.81
CA GLU D 157 6.49 -22.62 19.73
C GLU D 157 6.93 -22.02 18.41
N SER D 158 7.27 -22.88 17.46
CA SER D 158 7.68 -22.43 16.15
C SER D 158 6.41 -22.18 15.34
N SER D 159 6.45 -21.19 14.47
CA SER D 159 5.28 -20.87 13.65
C SER D 159 5.75 -20.46 12.26
N PRO D 160 5.20 -21.10 11.22
CA PRO D 160 5.58 -20.80 9.84
C PRO D 160 5.18 -19.43 9.33
N GLY D 161 5.72 -19.06 8.17
CA GLY D 161 5.41 -17.78 7.58
C GLY D 161 5.93 -16.60 8.39
N LYS D 162 5.45 -15.41 8.05
CA LYS D 162 5.85 -14.20 8.74
C LYS D 162 4.61 -13.46 9.25
N LEU D 163 4.60 -13.15 10.54
CA LEU D 163 3.47 -12.45 11.14
C LEU D 163 3.48 -11.01 10.70
N GLN D 164 2.53 -10.64 9.83
CA GLN D 164 2.45 -9.28 9.34
C GLN D 164 1.00 -8.83 9.13
N THR D 165 0.75 -7.54 9.28
CA THR D 165 -0.58 -7.00 9.07
C THR D 165 -0.91 -7.37 7.63
N THR D 166 -2.18 -7.47 7.28
CA THR D 166 -2.53 -7.83 5.92
C THR D 166 -3.55 -6.89 5.31
#